data_5A2W
#
_entry.id   5A2W
#
_cell.length_a   61.636
_cell.length_b   96.696
_cell.length_c   192.377
_cell.angle_alpha   90.00
_cell.angle_beta   90.00
_cell.angle_gamma   90.00
#
_symmetry.space_group_name_H-M   'P 21 21 21'
#
loop_
_entity.id
_entity.type
_entity.pdbx_description
1 polymer 'MITOCHONDRIAL PROTEIN'
2 non-polymer 'PHOSPHOTHIOPHOSPHORIC ACID-ADENYLATE ESTER'
3 non-polymer 'MAGNESIUM ION'
4 non-polymer DI(HYDROXYETHYL)ETHER
5 water water
#
_entity_poly.entity_id   1
_entity_poly.type   'polypeptide(L)'
_entity_poly.pdbx_seq_one_letter_code
;MHHHHHHSSGVDLGTENLYFQSMAGGAEETDAEVSARKKTFTEVQTERLEQADRSVLIKCPSKLNEKKLLQYLSSHGKID
NYFFFENRGIHALIEFSEKSSVASLQAVTGIPKAAEHHVVPYKSRLFTFTLKNPGSQAAEERPVKISPQSHIPVNELIPK
LCHADSISSQMYILLNEYQLTEENIKLRYLACSLVRDFARAYFPDSTVKPFGSSVNTFGKLGCDVDMFLDFHDIQKHATK
MKKGPFEMEYQMKRLPSERLATQKILSIIGDCLDNFGPGYSSVQKILNARCPLVKFSHQPTGFQCDLSVSNSIAIRCSEL
LYIYGCLDPRVRALVFSLRCWARVHGLTNSVPGTWITNFSLTMMIMFFLQKRSPPIIPTLDQLKELADEKDKHVIGGYDC
SFVSDLSKIKPTKNTETLDELLCDFFQYFGNFDFRKNSLNLRKGKEVNKPESSPLYIWNPFEQDLNISKNVNQPQLEKFV
AMARESAWILQKEDKTQQMINKEPWGLAAVLIPFGKSNPNTMKSRTKGIGSETIKSLLDSLKLSDANNLQKAVGK
;
_entity_poly.pdbx_strand_id   A,B
#
loop_
_chem_comp.id
_chem_comp.type
_chem_comp.name
_chem_comp.formula
AGS non-polymer 'PHOSPHOTHIOPHOSPHORIC ACID-ADENYLATE ESTER' 'C10 H16 N5 O12 P3 S'
MG non-polymer 'MAGNESIUM ION' 'Mg 2'
PEG non-polymer DI(HYDROXYETHYL)ETHER 'C4 H10 O3'
#
# COMPACT_ATOMS: atom_id res chain seq x y z
N LYS A 38 -13.87 -5.25 -37.84
CA LYS A 38 -13.43 -4.42 -36.67
C LYS A 38 -13.80 -5.09 -35.35
N LYS A 39 -13.57 -4.36 -34.25
CA LYS A 39 -14.01 -4.78 -32.93
C LYS A 39 -14.64 -3.58 -32.21
N THR A 40 -15.28 -3.85 -31.08
CA THR A 40 -15.95 -2.79 -30.32
C THR A 40 -14.96 -2.10 -29.37
N PHE A 41 -15.29 -0.88 -28.98
CA PHE A 41 -14.45 -0.09 -28.08
C PHE A 41 -14.06 -0.88 -26.83
N THR A 42 -15.04 -1.55 -26.23
CA THR A 42 -14.82 -2.29 -24.98
C THR A 42 -13.91 -3.50 -25.18
N GLU A 43 -14.09 -4.21 -26.29
CA GLU A 43 -13.23 -5.35 -26.63
C GLU A 43 -11.77 -4.91 -26.72
N VAL A 44 -11.52 -3.82 -27.45
CA VAL A 44 -10.18 -3.25 -27.61
C VAL A 44 -9.57 -2.91 -26.25
N GLN A 45 -10.33 -2.24 -25.39
CA GLN A 45 -9.85 -1.87 -24.05
C GLN A 45 -9.37 -3.11 -23.29
N THR A 46 -10.22 -4.13 -23.25
CA THR A 46 -9.92 -5.37 -22.54
C THR A 46 -8.65 -6.02 -23.09
N GLU A 47 -8.53 -6.06 -24.42
CA GLU A 47 -7.37 -6.66 -25.06
C GLU A 47 -6.11 -5.85 -24.77
N ARG A 48 -6.21 -4.53 -24.89
CA ARG A 48 -5.08 -3.63 -24.61
C ARG A 48 -4.59 -3.75 -23.17
N LEU A 49 -5.53 -3.84 -22.24
CA LEU A 49 -5.20 -3.97 -20.81
C LEU A 49 -4.56 -5.31 -20.48
N GLU A 50 -5.07 -6.36 -21.12
CA GLU A 50 -4.52 -7.71 -20.96
C GLU A 50 -3.08 -7.76 -21.44
N GLN A 51 -2.79 -7.09 -22.55
CA GLN A 51 -1.42 -7.02 -23.09
C GLN A 51 -0.51 -6.19 -22.20
N ALA A 52 -1.03 -5.08 -21.68
CA ALA A 52 -0.30 -4.25 -20.74
C ALA A 52 -0.02 -5.03 -19.44
N ASP A 53 -0.94 -5.93 -19.10
CA ASP A 53 -0.84 -6.78 -17.91
C ASP A 53 0.43 -7.64 -17.95
N ARG A 54 0.81 -8.07 -19.14
CA ARG A 54 1.95 -8.97 -19.29
C ARG A 54 3.12 -8.31 -20.04
N SER A 55 3.34 -7.02 -19.76
CA SER A 55 4.45 -6.26 -20.34
C SER A 55 5.37 -5.70 -19.26
N VAL A 56 6.61 -5.41 -19.62
CA VAL A 56 7.57 -4.84 -18.68
C VAL A 56 8.44 -3.77 -19.35
N LEU A 57 9.04 -2.92 -18.53
CA LEU A 57 9.97 -1.90 -19.00
C LEU A 57 11.36 -2.22 -18.47
N ILE A 58 12.33 -2.20 -19.38
CA ILE A 58 13.71 -2.51 -19.03
C ILE A 58 14.61 -1.35 -19.47
N LYS A 59 15.30 -0.75 -18.50
CA LYS A 59 16.33 0.22 -18.80
C LYS A 59 17.54 -0.57 -19.30
N CYS A 60 17.95 -0.29 -20.53
CA CYS A 60 18.96 -1.10 -21.19
C CYS A 60 20.37 -0.59 -20.91
N PRO A 61 21.38 -1.49 -21.02
CA PRO A 61 22.79 -1.09 -20.88
C PRO A 61 23.22 -0.07 -21.94
N SER A 62 24.28 0.67 -21.66
CA SER A 62 24.82 1.65 -22.61
C SER A 62 25.29 0.95 -23.88
N LYS A 63 26.04 -0.12 -23.71
CA LYS A 63 26.44 -0.97 -24.83
C LYS A 63 25.34 -2.03 -25.01
N LEU A 64 24.44 -1.77 -25.96
CA LEU A 64 23.23 -2.58 -26.11
C LEU A 64 23.30 -3.57 -27.27
N ASN A 65 23.20 -4.85 -26.95
CA ASN A 65 23.10 -5.90 -27.95
C ASN A 65 21.67 -6.44 -28.02
N GLU A 66 20.89 -5.92 -28.97
CA GLU A 66 19.50 -6.31 -29.15
C GLU A 66 19.32 -7.82 -29.14
N LYS A 67 20.02 -8.51 -30.05
CA LYS A 67 19.91 -9.97 -30.17
C LYS A 67 20.09 -10.70 -28.85
N LYS A 68 21.15 -10.37 -28.12
CA LYS A 68 21.47 -11.04 -26.86
C LYS A 68 20.41 -10.77 -25.79
N LEU A 69 19.87 -9.56 -25.78
CA LEU A 69 18.83 -9.18 -24.82
C LEU A 69 17.56 -9.98 -25.04
N LEU A 70 17.12 -10.05 -26.29
CA LEU A 70 15.89 -10.77 -26.63
C LEU A 70 16.09 -12.27 -26.51
N GLN A 71 17.29 -12.74 -26.84
CA GLN A 71 17.64 -14.14 -26.63
C GLN A 71 17.49 -14.52 -25.17
N TYR A 72 18.00 -13.68 -24.27
CA TYR A 72 17.93 -13.97 -22.84
C TYR A 72 16.49 -13.92 -22.33
N LEU A 73 15.77 -12.85 -22.65
CA LEU A 73 14.39 -12.68 -22.20
C LEU A 73 13.47 -13.78 -22.75
N SER A 74 13.81 -14.30 -23.94
CA SER A 74 13.08 -15.43 -24.53
C SER A 74 13.12 -16.70 -23.66
N SER A 75 14.17 -16.84 -22.87
CA SER A 75 14.27 -17.96 -21.93
C SER A 75 13.21 -17.93 -20.83
N HIS A 76 12.59 -16.77 -20.61
CA HIS A 76 11.50 -16.64 -19.62
C HIS A 76 10.12 -16.84 -20.25
N GLY A 77 10.08 -17.03 -21.57
CA GLY A 77 8.82 -17.21 -22.28
C GLY A 77 8.81 -16.47 -23.60
N LYS A 78 7.82 -16.77 -24.43
CA LYS A 78 7.68 -16.15 -25.75
C LYS A 78 7.40 -14.65 -25.64
N ILE A 79 7.89 -13.90 -26.60
CA ILE A 79 7.71 -12.44 -26.64
C ILE A 79 6.89 -12.06 -27.88
N ASP A 80 5.66 -11.60 -27.64
CA ASP A 80 4.75 -11.20 -28.72
C ASP A 80 5.19 -9.93 -29.45
N ASN A 81 5.73 -8.97 -28.71
CA ASN A 81 6.09 -7.68 -29.30
C ASN A 81 7.05 -6.91 -28.40
N TYR A 82 7.86 -6.05 -29.00
CA TYR A 82 8.78 -5.20 -28.24
C TYR A 82 9.21 -4.02 -29.08
N PHE A 83 9.71 -2.99 -28.41
CA PHE A 83 10.33 -1.84 -29.09
C PHE A 83 11.21 -1.09 -28.11
N PHE A 84 12.01 -0.16 -28.64
CA PHE A 84 12.91 0.66 -27.85
C PHE A 84 12.53 2.13 -27.96
N PHE A 85 12.82 2.92 -26.93
CA PHE A 85 12.58 4.36 -26.98
C PHE A 85 13.56 5.13 -26.08
N GLU A 86 13.76 6.40 -26.41
CA GLU A 86 14.74 7.26 -25.75
C GLU A 86 14.08 8.04 -24.63
N ASN A 87 14.69 7.99 -23.44
CA ASN A 87 14.19 8.69 -22.27
C ASN A 87 15.27 8.71 -21.19
N ARG A 88 16.23 9.63 -21.35
CA ARG A 88 17.41 9.67 -20.49
C ARG A 88 18.07 8.28 -20.50
N GLY A 89 18.36 7.79 -21.70
CA GLY A 89 18.87 6.43 -21.90
C GLY A 89 17.90 5.60 -22.73
N ILE A 90 18.37 4.46 -23.22
CA ILE A 90 17.55 3.57 -24.02
C ILE A 90 16.70 2.70 -23.11
N HIS A 91 15.39 2.72 -23.33
CA HIS A 91 14.46 1.84 -22.62
C HIS A 91 13.78 0.92 -23.60
N ALA A 92 13.30 -0.22 -23.10
CA ALA A 92 12.64 -1.20 -23.93
C ALA A 92 11.34 -1.64 -23.28
N LEU A 93 10.27 -1.66 -24.06
CA LEU A 93 9.02 -2.27 -23.65
C LEU A 93 9.05 -3.71 -24.17
N ILE A 94 8.74 -4.66 -23.30
CA ILE A 94 8.67 -6.06 -23.66
C ILE A 94 7.28 -6.58 -23.32
N GLU A 95 6.58 -7.10 -24.33
CA GLU A 95 5.25 -7.64 -24.17
C GLU A 95 5.29 -9.17 -24.33
N PHE A 96 5.24 -9.90 -23.22
CA PHE A 96 5.27 -11.36 -23.25
C PHE A 96 3.94 -11.94 -23.70
N SER A 97 3.97 -13.16 -24.23
CA SER A 97 2.75 -13.89 -24.59
C SER A 97 2.01 -14.36 -23.34
N GLU A 98 2.75 -14.62 -22.26
CA GLU A 98 2.20 -15.18 -21.02
C GLU A 98 2.46 -14.27 -19.83
N LYS A 99 1.48 -14.17 -18.93
CA LYS A 99 1.64 -13.37 -17.72
C LYS A 99 2.62 -14.01 -16.72
N SER A 100 2.81 -15.33 -16.83
CA SER A 100 3.77 -16.05 -15.97
C SER A 100 5.23 -15.65 -16.22
N SER A 101 5.53 -15.22 -17.43
CA SER A 101 6.89 -14.77 -17.80
C SER A 101 7.35 -13.57 -16.97
N VAL A 102 6.42 -12.76 -16.47
CA VAL A 102 6.77 -11.61 -15.64
C VAL A 102 7.31 -12.09 -14.29
N ALA A 103 6.56 -12.99 -13.65
CA ALA A 103 7.00 -13.60 -12.39
C ALA A 103 8.34 -14.32 -12.56
N SER A 104 8.44 -15.11 -13.63
CA SER A 104 9.68 -15.80 -13.97
C SER A 104 10.87 -14.85 -13.98
N LEU A 105 10.72 -13.73 -14.68
CA LEU A 105 11.76 -12.70 -14.74
C LEU A 105 12.00 -12.07 -13.37
N GLN A 106 10.93 -11.78 -12.65
CA GLN A 106 11.05 -11.18 -11.31
C GLN A 106 11.83 -12.07 -10.34
N ALA A 107 11.65 -13.39 -10.48
CA ALA A 107 12.30 -14.36 -9.62
C ALA A 107 13.83 -14.27 -9.66
N VAL A 108 14.40 -13.89 -10.81
CA VAL A 108 15.85 -13.75 -10.95
C VAL A 108 16.33 -12.31 -10.89
N THR A 109 15.47 -11.40 -10.44
CA THR A 109 15.79 -9.98 -10.33
C THR A 109 16.06 -9.66 -8.86
N GLY A 110 17.15 -8.95 -8.60
CA GLY A 110 17.57 -8.65 -7.24
C GLY A 110 17.35 -7.20 -6.85
N ILE A 111 17.75 -6.88 -5.62
CA ILE A 111 17.61 -5.54 -5.07
C ILE A 111 18.94 -4.80 -5.25
N PRO A 112 18.90 -3.50 -5.58
CA PRO A 112 20.15 -2.74 -5.78
C PRO A 112 21.17 -2.75 -4.64
N LYS A 113 20.71 -2.58 -3.39
CA LYS A 113 21.60 -2.55 -2.22
C LYS A 113 22.58 -1.35 -2.23
N ALA A 114 22.01 -0.16 -2.16
CA ALA A 114 22.77 1.09 -2.00
C ALA A 114 22.63 1.53 -0.56
N ALA A 115 23.68 1.31 0.24
CA ALA A 115 23.68 1.56 1.69
C ALA A 115 23.11 0.50 2.66
N GLU A 116 22.84 -0.69 2.13
CA GLU A 116 22.03 -1.77 2.76
C GLU A 116 20.65 -1.87 3.38
N HIS A 117 19.82 -0.84 3.24
CA HIS A 117 18.36 -0.71 3.11
C HIS A 117 18.02 0.78 2.98
N HIS A 118 18.66 1.48 2.05
CA HIS A 118 18.35 2.88 1.80
C HIS A 118 17.39 3.06 0.62
N VAL A 119 16.78 1.96 0.17
CA VAL A 119 15.74 1.99 -0.85
C VAL A 119 14.42 1.50 -0.28
N VAL A 120 13.32 1.87 -0.94
CA VAL A 120 12.01 1.32 -0.61
C VAL A 120 11.83 0.07 -1.45
N PRO A 121 11.77 -1.11 -0.81
CA PRO A 121 11.82 -2.36 -1.56
C PRO A 121 10.51 -2.78 -2.22
N TYR A 122 9.80 -1.83 -2.82
CA TYR A 122 8.62 -2.16 -3.63
C TYR A 122 9.08 -2.69 -4.98
N LYS A 123 8.62 -3.90 -5.32
CA LYS A 123 8.98 -4.56 -6.57
C LYS A 123 7.87 -4.38 -7.61
N SER A 124 8.22 -3.84 -8.76
CA SER A 124 7.26 -3.59 -9.84
C SER A 124 7.67 -4.32 -11.11
N ARG A 125 7.28 -3.77 -12.27
CA ARG A 125 7.70 -4.29 -13.57
C ARG A 125 8.64 -3.31 -14.27
N LEU A 126 9.40 -2.57 -13.49
CA LEU A 126 10.43 -1.67 -14.00
C LEU A 126 11.79 -2.24 -13.60
N PHE A 127 12.57 -2.64 -14.61
CA PHE A 127 13.85 -3.35 -14.41
C PHE A 127 15.02 -2.52 -14.94
N THR A 128 16.22 -2.86 -14.48
CA THR A 128 17.45 -2.24 -14.95
C THR A 128 18.46 -3.33 -15.25
N PHE A 129 18.86 -3.44 -16.51
CA PHE A 129 19.82 -4.45 -16.95
C PHE A 129 21.18 -3.81 -17.14
N THR A 130 22.19 -4.43 -16.54
CA THR A 130 23.58 -4.05 -16.76
C THR A 130 24.36 -5.31 -17.11
N LEU A 131 25.53 -5.13 -17.70
CA LEU A 131 26.37 -6.26 -18.10
C LEU A 131 27.13 -6.79 -16.90
N LYS A 132 27.20 -8.12 -16.78
CA LYS A 132 27.96 -8.76 -15.71
C LYS A 132 29.44 -8.44 -15.88
N ASN A 133 29.97 -8.78 -17.05
CA ASN A 133 31.33 -8.47 -17.41
C ASN A 133 31.23 -7.55 -18.60
N PRO A 134 31.37 -6.23 -18.37
CA PRO A 134 31.40 -5.27 -19.47
C PRO A 134 32.57 -5.53 -20.42
N GLY A 135 33.65 -6.13 -19.93
CA GLY A 135 34.80 -6.48 -20.75
C GLY A 135 34.71 -7.78 -21.56
N SER A 136 33.51 -8.31 -21.76
CA SER A 136 33.31 -9.51 -22.58
C SER A 136 32.27 -9.31 -23.69
N GLN A 137 32.17 -8.10 -24.24
CA GLN A 137 31.38 -7.89 -25.46
C GLN A 137 32.09 -8.61 -26.61
N ALA A 138 31.38 -9.52 -27.28
CA ALA A 138 31.98 -10.39 -28.28
C ALA A 138 31.12 -10.53 -29.54
N ALA A 139 30.46 -9.45 -29.94
CA ALA A 139 29.75 -9.41 -31.21
C ALA A 139 29.82 -8.02 -31.83
N GLU A 140 29.44 -7.92 -33.10
CA GLU A 140 29.44 -6.62 -33.81
C GLU A 140 28.31 -5.73 -33.27
N GLU A 141 28.58 -4.43 -33.20
CA GLU A 141 27.63 -3.47 -32.66
C GLU A 141 26.67 -2.95 -33.73
N ARG A 142 25.47 -3.54 -33.79
CA ARG A 142 24.39 -3.02 -34.65
C ARG A 142 23.60 -1.94 -33.90
N PRO A 143 23.19 -0.85 -34.59
CA PRO A 143 22.42 0.16 -33.85
C PRO A 143 20.96 -0.26 -33.65
N VAL A 144 20.23 0.50 -32.85
CA VAL A 144 18.87 0.12 -32.45
C VAL A 144 17.83 1.11 -32.96
N LYS A 145 16.71 0.58 -33.43
CA LYS A 145 15.58 1.39 -33.91
C LYS A 145 14.84 2.04 -32.72
N ILE A 146 14.82 3.36 -32.71
CA ILE A 146 14.17 4.13 -31.65
C ILE A 146 12.79 4.61 -32.09
N SER A 147 11.75 4.10 -31.44
CA SER A 147 10.38 4.54 -31.69
C SER A 147 10.14 5.91 -31.04
N PRO A 148 9.76 6.92 -31.85
CA PRO A 148 9.56 8.27 -31.29
C PRO A 148 8.28 8.35 -30.45
N GLN A 149 8.29 9.21 -29.44
CA GLN A 149 7.12 9.40 -28.57
C GLN A 149 6.62 10.86 -28.56
N SER A 150 7.24 11.72 -29.37
CA SER A 150 6.74 13.07 -29.58
C SER A 150 6.71 13.39 -31.07
N HIS A 151 5.83 14.29 -31.47
CA HIS A 151 5.71 14.70 -32.88
C HIS A 151 6.66 15.86 -33.17
N ILE A 152 6.97 16.04 -34.46
CA ILE A 152 7.79 17.17 -34.91
C ILE A 152 7.12 18.49 -34.53
N PRO A 153 7.91 19.54 -34.24
CA PRO A 153 7.32 20.84 -33.93
C PRO A 153 6.77 21.54 -35.17
N VAL A 154 5.90 22.52 -34.96
CA VAL A 154 5.20 23.22 -36.05
C VAL A 154 6.16 23.75 -37.12
N ASN A 155 7.23 24.41 -36.70
CA ASN A 155 8.19 25.00 -37.64
C ASN A 155 8.82 23.98 -38.60
N GLU A 156 8.90 22.71 -38.20
CA GLU A 156 9.33 21.64 -39.10
C GLU A 156 8.17 21.12 -39.96
N LEU A 157 6.96 21.26 -39.44
CA LEU A 157 5.76 20.77 -40.13
C LEU A 157 5.31 21.68 -41.27
N ILE A 158 5.46 22.99 -41.09
CA ILE A 158 5.03 23.99 -42.08
C ILE A 158 5.63 23.73 -43.47
N PRO A 159 6.97 23.56 -43.56
CA PRO A 159 7.59 23.22 -44.85
C PRO A 159 6.94 22.02 -45.53
N LYS A 160 6.70 20.95 -44.79
CA LYS A 160 6.11 19.73 -45.35
C LYS A 160 4.72 19.96 -45.93
N LEU A 161 3.95 20.85 -45.29
CA LEU A 161 2.61 21.17 -45.74
C LEU A 161 2.64 22.03 -47.00
N CYS A 162 3.60 22.95 -47.08
CA CYS A 162 3.75 23.81 -48.26
C CYS A 162 4.14 23.00 -49.49
N HIS A 163 4.91 21.94 -49.27
CA HIS A 163 5.39 21.09 -50.37
C HIS A 163 4.38 20.03 -50.81
N ALA A 164 3.21 20.00 -50.16
CA ALA A 164 2.14 19.06 -50.54
C ALA A 164 1.36 19.58 -51.75
N ASP A 165 0.48 18.74 -52.29
CA ASP A 165 -0.24 19.10 -53.53
C ASP A 165 -1.49 19.93 -53.27
N SER A 166 -2.34 19.48 -52.35
CA SER A 166 -3.62 20.14 -52.07
C SER A 166 -3.80 20.31 -50.55
N ILE A 167 -4.89 20.96 -50.18
CA ILE A 167 -5.20 21.20 -48.77
C ILE A 167 -5.55 19.87 -48.09
N SER A 168 -6.35 19.06 -48.78
CA SER A 168 -6.72 17.74 -48.29
C SER A 168 -5.49 16.94 -47.84
N SER A 169 -4.44 16.98 -48.64
CA SER A 169 -3.21 16.26 -48.34
C SER A 169 -2.45 16.87 -47.16
N GLN A 170 -2.43 18.19 -47.09
CA GLN A 170 -1.83 18.89 -45.96
C GLN A 170 -2.38 18.37 -44.63
N MET A 171 -3.70 18.21 -44.57
CA MET A 171 -4.38 17.78 -43.36
CA MET A 171 -4.38 17.78 -43.36
C MET A 171 -4.04 16.32 -43.01
N TYR A 172 -3.97 15.45 -44.02
CA TYR A 172 -3.58 14.06 -43.79
C TYR A 172 -2.10 13.91 -43.41
N ILE A 173 -1.24 14.77 -43.96
CA ILE A 173 0.16 14.79 -43.54
C ILE A 173 0.27 15.15 -42.05
N LEU A 174 -0.50 16.16 -41.64
CA LEU A 174 -0.52 16.60 -40.25
C LEU A 174 -1.03 15.45 -39.39
N LEU A 175 -2.17 14.89 -39.78
CA LEU A 175 -2.76 13.76 -39.07
C LEU A 175 -1.75 12.64 -38.82
N ASN A 176 -0.92 12.36 -39.83
CA ASN A 176 0.02 11.24 -39.75
C ASN A 176 1.26 11.54 -38.91
N GLU A 177 1.69 12.79 -38.90
CA GLU A 177 2.83 13.18 -38.08
C GLU A 177 2.46 13.25 -36.60
N TYR A 178 1.17 13.45 -36.33
CA TYR A 178 0.70 13.78 -34.99
C TYR A 178 0.06 12.60 -34.24
N GLN A 179 -0.64 11.73 -34.96
CA GLN A 179 -1.44 10.69 -34.29
C GLN A 179 -0.60 9.74 -33.44
N LEU A 180 -1.27 9.05 -32.51
CA LEU A 180 -0.62 8.09 -31.65
C LEU A 180 -0.12 6.91 -32.47
N THR A 181 1.12 6.49 -32.22
CA THR A 181 1.68 5.29 -32.81
C THR A 181 1.27 4.10 -31.97
N GLU A 182 1.41 2.92 -32.55
CA GLU A 182 1.11 1.67 -31.87
C GLU A 182 1.96 1.51 -30.60
N GLU A 183 3.21 1.98 -30.67
CA GLU A 183 4.15 1.85 -29.56
C GLU A 183 3.75 2.79 -28.41
N ASN A 184 3.34 4.01 -28.76
CA ASN A 184 2.93 5.00 -27.77
C ASN A 184 1.67 4.54 -27.05
N ILE A 185 0.77 3.88 -27.77
CA ILE A 185 -0.46 3.37 -27.18
C ILE A 185 -0.15 2.28 -26.15
N LYS A 186 0.71 1.33 -26.49
CA LYS A 186 1.13 0.29 -25.53
C LYS A 186 1.73 0.92 -24.29
N LEU A 187 2.50 1.99 -24.48
CA LEU A 187 3.13 2.70 -23.37
C LEU A 187 2.09 3.36 -22.45
N ARG A 188 0.97 3.81 -23.02
CA ARG A 188 -0.08 4.47 -22.23
C ARG A 188 -0.84 3.47 -21.37
N TYR A 189 -1.26 2.37 -21.98
CA TYR A 189 -1.95 1.31 -21.26
C TYR A 189 -1.06 0.69 -20.17
N LEU A 190 0.24 0.63 -20.42
CA LEU A 190 1.19 0.13 -19.43
C LEU A 190 1.22 1.04 -18.21
N ALA A 191 1.24 2.34 -18.44
CA ALA A 191 1.23 3.31 -17.34
C ALA A 191 0.02 3.09 -16.45
N CYS A 192 -1.15 2.91 -17.06
CA CYS A 192 -2.35 2.56 -16.32
C CYS A 192 -2.18 1.28 -15.53
N SER A 193 -1.61 0.27 -16.19
CA SER A 193 -1.39 -1.04 -15.57
C SER A 193 -0.48 -0.96 -14.34
N LEU A 194 0.55 -0.12 -14.42
CA LEU A 194 1.48 0.05 -13.31
C LEU A 194 0.81 0.74 -12.13
N VAL A 195 -0.11 1.66 -12.42
CA VAL A 195 -0.86 2.36 -11.39
C VAL A 195 -1.90 1.42 -10.78
N ARG A 196 -2.45 0.55 -11.60
CA ARG A 196 -3.37 -0.48 -11.12
C ARG A 196 -2.74 -1.32 -10.00
N ASP A 197 -1.50 -1.77 -10.21
CA ASP A 197 -0.84 -2.65 -9.22
C ASP A 197 -0.86 -2.16 -7.77
N PHE A 198 -0.69 -0.87 -7.55
CA PHE A 198 -0.81 -0.28 -6.22
C PHE A 198 -2.21 -0.44 -5.64
N ALA A 199 -3.21 -0.13 -6.46
CA ALA A 199 -4.59 -0.15 -6.03
C ALA A 199 -5.11 -1.54 -5.69
N ARG A 200 -4.61 -2.56 -6.40
CA ARG A 200 -5.05 -3.95 -6.17
C ARG A 200 -4.52 -4.58 -4.88
N ALA A 201 -3.60 -3.89 -4.21
CA ALA A 201 -3.12 -4.35 -2.92
C ALA A 201 -4.28 -4.59 -1.96
N TYR A 202 -5.27 -3.70 -1.96
CA TYR A 202 -6.44 -3.83 -1.09
C TYR A 202 -7.81 -3.82 -1.80
N PHE A 203 -7.81 -3.60 -3.11
CA PHE A 203 -9.01 -3.78 -3.92
C PHE A 203 -8.67 -4.67 -5.11
N PRO A 204 -8.61 -6.00 -4.90
CA PRO A 204 -8.08 -6.95 -5.90
C PRO A 204 -8.79 -6.97 -7.25
N ASP A 205 -10.07 -6.58 -7.29
CA ASP A 205 -10.84 -6.59 -8.53
C ASP A 205 -10.83 -5.23 -9.24
N SER A 206 -9.95 -4.33 -8.81
CA SER A 206 -9.83 -3.01 -9.41
C SER A 206 -9.27 -3.06 -10.82
N THR A 207 -9.62 -2.04 -11.59
CA THR A 207 -9.02 -1.79 -12.90
C THR A 207 -8.70 -0.29 -12.97
N VAL A 208 -7.57 0.05 -13.60
CA VAL A 208 -7.28 1.42 -13.96
C VAL A 208 -7.36 1.48 -15.48
N LYS A 209 -8.46 2.03 -15.98
CA LYS A 209 -8.71 2.14 -17.42
C LYS A 209 -8.49 3.58 -17.89
N PRO A 210 -7.77 3.75 -19.01
CA PRO A 210 -7.63 5.10 -19.56
C PRO A 210 -8.89 5.57 -20.28
N PHE A 211 -9.06 6.89 -20.35
CA PHE A 211 -10.14 7.47 -21.13
C PHE A 211 -9.65 8.76 -21.81
N GLY A 212 -10.56 9.46 -22.48
CA GLY A 212 -10.21 10.72 -23.13
C GLY A 212 -9.39 10.51 -24.38
N SER A 213 -8.56 11.50 -24.71
CA SER A 213 -7.84 11.49 -26.00
C SER A 213 -6.95 10.26 -26.21
N SER A 214 -6.49 9.65 -25.12
CA SER A 214 -5.61 8.47 -25.21
C SER A 214 -6.26 7.29 -25.92
N VAL A 215 -7.60 7.22 -25.90
CA VAL A 215 -8.31 6.06 -26.43
C VAL A 215 -9.46 6.35 -27.40
N ASN A 216 -9.77 7.63 -27.62
CA ASN A 216 -10.91 8.00 -28.49
C ASN A 216 -10.52 8.28 -29.95
N THR A 217 -9.33 7.85 -30.35
CA THR A 217 -8.79 8.02 -31.73
C THR A 217 -8.28 9.43 -32.04
N PHE A 218 -8.60 10.42 -31.20
CA PHE A 218 -8.19 11.80 -31.44
C PHE A 218 -6.94 12.18 -30.66
N GLY A 219 -6.25 11.18 -30.10
CA GLY A 219 -5.02 11.43 -29.35
C GLY A 219 -3.85 11.76 -30.23
N LYS A 220 -3.00 12.68 -29.76
CA LYS A 220 -1.78 13.03 -30.45
C LYS A 220 -0.59 12.80 -29.54
N LEU A 221 0.58 12.59 -30.14
CA LEU A 221 1.79 12.36 -29.38
C LEU A 221 2.03 13.56 -28.44
N GLY A 222 2.34 13.27 -27.18
CA GLY A 222 2.60 14.31 -26.18
C GLY A 222 1.39 14.67 -25.34
N CYS A 223 0.22 14.12 -25.64
CA CYS A 223 -0.98 14.40 -24.84
C CYS A 223 -0.96 13.58 -23.54
N ASP A 224 -1.66 14.07 -22.54
CA ASP A 224 -1.64 13.46 -21.21
C ASP A 224 -2.47 12.17 -21.18
N VAL A 225 -2.25 11.35 -20.17
CA VAL A 225 -3.00 10.11 -19.99
C VAL A 225 -4.04 10.31 -18.87
N ASP A 226 -5.31 10.28 -19.24
CA ASP A 226 -6.40 10.43 -18.27
C ASP A 226 -6.82 9.03 -17.82
N MET A 227 -6.66 8.76 -16.52
CA MET A 227 -6.91 7.45 -15.95
C MET A 227 -8.04 7.51 -14.94
N PHE A 228 -8.89 6.49 -14.93
CA PHE A 228 -9.88 6.41 -13.88
C PHE A 228 -9.84 5.04 -13.20
N LEU A 229 -10.05 5.06 -11.89
CA LEU A 229 -10.00 3.83 -11.10
C LEU A 229 -11.41 3.28 -10.92
N ASP A 230 -11.60 2.00 -11.26
CA ASP A 230 -12.91 1.34 -11.15
C ASP A 230 -12.83 0.11 -10.25
N PHE A 231 -13.93 -0.23 -9.59
CA PHE A 231 -13.98 -1.36 -8.66
C PHE A 231 -14.83 -2.55 -9.11
N HIS A 232 -15.40 -2.46 -10.29
CA HIS A 232 -16.02 -3.61 -10.96
C HIS A 232 -15.93 -3.46 -12.48
N LYS A 242 -24.24 -22.18 -0.14
CA LYS A 242 -24.91 -23.47 -0.16
C LYS A 242 -23.90 -24.60 0.05
N LYS A 243 -23.11 -24.49 1.12
CA LYS A 243 -22.04 -25.44 1.43
C LYS A 243 -22.36 -26.31 2.65
N GLY A 244 -22.36 -25.70 3.83
CA GLY A 244 -22.55 -26.42 5.10
C GLY A 244 -23.78 -25.95 5.87
N PRO A 245 -23.77 -26.13 7.20
CA PRO A 245 -24.79 -25.54 8.07
C PRO A 245 -24.51 -24.09 8.46
N PHE A 246 -23.36 -23.54 8.02
CA PHE A 246 -22.97 -22.18 8.39
C PHE A 246 -22.95 -21.25 7.19
N GLU A 247 -23.41 -20.01 7.40
CA GLU A 247 -23.14 -18.92 6.47
C GLU A 247 -21.82 -18.27 6.86
N MET A 248 -20.83 -18.40 5.99
CA MET A 248 -19.45 -18.02 6.31
C MET A 248 -19.02 -16.80 5.51
N GLU A 249 -18.64 -15.74 6.21
CA GLU A 249 -18.24 -14.49 5.58
C GLU A 249 -16.89 -14.00 6.09
N TYR A 250 -16.19 -13.23 5.26
CA TYR A 250 -14.98 -12.56 5.68
C TYR A 250 -15.34 -11.38 6.57
N GLN A 251 -14.44 -11.06 7.50
CA GLN A 251 -14.50 -9.77 8.20
C GLN A 251 -13.79 -8.76 7.30
N MET A 252 -14.47 -7.66 7.02
CA MET A 252 -13.92 -6.63 6.13
C MET A 252 -14.30 -5.23 6.61
N LYS A 253 -13.36 -4.30 6.55
CA LYS A 253 -13.59 -2.95 7.06
C LYS A 253 -14.55 -2.18 6.16
N ARG A 254 -15.54 -1.55 6.79
CA ARG A 254 -16.53 -0.74 6.06
C ARG A 254 -15.91 0.57 5.57
N LEU A 255 -16.38 1.02 4.41
CA LEU A 255 -15.98 2.31 3.85
C LEU A 255 -17.05 3.37 4.11
N PRO A 256 -16.68 4.67 4.00
CA PRO A 256 -17.69 5.74 4.05
C PRO A 256 -18.30 5.91 2.63
N SER A 257 -19.18 6.89 2.47
CA SER A 257 -19.97 7.02 1.23
C SER A 257 -19.06 7.58 0.15
N GLU A 258 -19.40 7.33 -1.11
CA GLU A 258 -18.47 7.50 -2.25
C GLU A 258 -17.38 8.59 -2.28
N ARG A 259 -17.74 9.84 -2.02
CA ARG A 259 -16.77 10.95 -2.05
C ARG A 259 -15.66 10.83 -1.00
N LEU A 260 -16.01 10.44 0.22
CA LEU A 260 -15.03 10.35 1.30
C LEU A 260 -14.08 9.16 1.11
N ALA A 261 -14.62 8.05 0.63
CA ALA A 261 -13.81 6.88 0.29
C ALA A 261 -12.84 7.22 -0.83
N THR A 262 -13.40 7.72 -1.94
CA THR A 262 -12.64 8.20 -3.08
C THR A 262 -11.46 9.07 -2.68
N GLN A 263 -11.70 10.03 -1.77
CA GLN A 263 -10.65 10.92 -1.30
C GLN A 263 -9.58 10.16 -0.52
N LYS A 264 -10.01 9.26 0.36
CA LYS A 264 -9.08 8.48 1.17
C LYS A 264 -8.23 7.56 0.29
N ILE A 265 -8.88 6.92 -0.68
CA ILE A 265 -8.19 6.01 -1.57
C ILE A 265 -7.14 6.73 -2.42
N LEU A 266 -7.56 7.79 -3.10
CA LEU A 266 -6.64 8.57 -3.94
C LEU A 266 -5.52 9.16 -3.12
N SER A 267 -5.82 9.58 -1.89
CA SER A 267 -4.79 10.13 -1.02
C SER A 267 -3.70 9.09 -0.75
N ILE A 268 -4.12 7.86 -0.47
CA ILE A 268 -3.18 6.79 -0.15
C ILE A 268 -2.42 6.32 -1.39
N ILE A 269 -3.13 6.12 -2.50
CA ILE A 269 -2.47 5.79 -3.76
C ILE A 269 -1.47 6.90 -4.14
N GLY A 270 -1.88 8.16 -3.97
CA GLY A 270 -0.99 9.30 -4.19
C GLY A 270 0.31 9.17 -3.42
N ASP A 271 0.19 8.96 -2.11
CA ASP A 271 1.36 8.79 -1.24
C ASP A 271 2.22 7.60 -1.66
N CYS A 272 1.57 6.53 -2.11
CA CYS A 272 2.27 5.34 -2.60
C CYS A 272 3.04 5.61 -3.87
N LEU A 273 2.42 6.32 -4.81
CA LEU A 273 3.11 6.72 -6.04
C LEU A 273 4.33 7.56 -5.69
N ASP A 274 4.15 8.51 -4.79
CA ASP A 274 5.20 9.43 -4.41
C ASP A 274 6.35 8.70 -3.70
N ASN A 275 6.04 7.83 -2.74
CA ASN A 275 7.06 7.20 -1.88
C ASN A 275 7.46 5.76 -2.21
N PHE A 276 6.59 4.99 -2.85
CA PHE A 276 6.96 3.62 -3.25
C PHE A 276 7.44 3.62 -4.70
N GLY A 277 6.96 4.58 -5.49
CA GLY A 277 7.58 4.86 -6.78
C GLY A 277 7.51 3.64 -7.66
N PRO A 278 8.58 3.40 -8.42
CA PRO A 278 9.66 4.32 -8.77
C PRO A 278 9.25 5.14 -9.97
N GLY A 279 9.84 6.33 -10.10
CA GLY A 279 9.67 7.16 -11.28
C GLY A 279 8.48 8.11 -11.27
N TYR A 280 7.66 8.06 -10.23
CA TYR A 280 6.57 9.01 -10.10
C TYR A 280 7.13 10.30 -9.55
N SER A 281 6.47 11.40 -9.89
CA SER A 281 7.01 12.72 -9.61
C SER A 281 5.94 13.77 -9.72
N SER A 282 6.18 14.90 -9.09
CA SER A 282 5.25 16.01 -9.07
C SER A 282 3.85 15.49 -8.75
N VAL A 283 3.73 14.69 -7.70
CA VAL A 283 2.45 14.14 -7.29
C VAL A 283 1.69 15.24 -6.60
N GLN A 284 0.48 15.49 -7.07
CA GLN A 284 -0.31 16.62 -6.66
C GLN A 284 -1.71 16.12 -6.38
N LYS A 285 -2.15 16.26 -5.14
CA LYS A 285 -3.49 15.80 -4.77
C LYS A 285 -4.47 16.97 -4.90
N ILE A 286 -5.55 16.74 -5.64
CA ILE A 286 -6.61 17.73 -5.79
C ILE A 286 -7.90 17.01 -5.42
N LEU A 287 -8.06 16.76 -4.13
CA LEU A 287 -9.12 15.89 -3.63
C LEU A 287 -10.43 16.62 -3.37
N ASN A 288 -10.39 17.95 -3.43
CA ASN A 288 -11.57 18.78 -3.15
C ASN A 288 -12.31 19.28 -4.38
N ALA A 289 -11.86 18.88 -5.57
CA ALA A 289 -12.56 19.21 -6.81
C ALA A 289 -13.91 18.48 -6.88
N ARG A 290 -14.79 18.94 -7.77
CA ARG A 290 -16.09 18.29 -7.98
C ARG A 290 -15.92 16.80 -8.29
N CYS A 291 -14.82 16.47 -8.98
CA CYS A 291 -14.41 15.10 -9.21
CA CYS A 291 -14.40 15.09 -9.22
C CYS A 291 -12.98 14.90 -8.69
N PRO A 292 -12.83 14.31 -7.48
CA PRO A 292 -11.49 14.20 -6.86
C PRO A 292 -10.45 13.54 -7.77
N LEU A 293 -9.21 14.00 -7.67
CA LEU A 293 -8.21 13.75 -8.71
C LEU A 293 -6.77 13.84 -8.18
N VAL A 294 -5.89 13.00 -8.70
CA VAL A 294 -4.45 13.06 -8.41
C VAL A 294 -3.62 13.18 -9.70
N LYS A 295 -2.77 14.20 -9.77
CA LYS A 295 -1.92 14.46 -10.94
C LYS A 295 -0.50 14.05 -10.65
N PHE A 296 0.16 13.50 -11.67
CA PHE A 296 1.55 13.11 -11.53
C PHE A 296 2.22 12.94 -12.89
N SER A 297 3.54 12.97 -12.90
CA SER A 297 4.32 12.68 -14.09
C SER A 297 5.09 11.38 -13.89
N HIS A 298 5.05 10.52 -14.89
CA HIS A 298 5.70 9.21 -14.83
C HIS A 298 6.96 9.21 -15.70
N GLN A 299 8.12 9.18 -15.05
CA GLN A 299 9.40 9.40 -15.75
C GLN A 299 9.80 8.28 -16.72
N PRO A 300 9.53 7.01 -16.38
CA PRO A 300 9.89 5.93 -17.31
C PRO A 300 9.16 6.03 -18.64
N THR A 301 7.85 6.24 -18.60
CA THR A 301 7.04 6.36 -19.82
C THR A 301 7.05 7.79 -20.37
N GLY A 302 7.36 8.77 -19.53
CA GLY A 302 7.43 10.17 -19.94
C GLY A 302 6.10 10.91 -19.99
N PHE A 303 5.02 10.28 -19.52
CA PHE A 303 3.68 10.89 -19.58
C PHE A 303 3.32 11.76 -18.39
N GLN A 304 2.44 12.71 -18.64
CA GLN A 304 1.76 13.45 -17.59
C GLN A 304 0.42 12.76 -17.39
N CYS A 305 0.05 12.47 -16.14
CA CYS A 305 -1.11 11.64 -15.86
C CYS A 305 -2.11 12.25 -14.87
N ASP A 306 -3.38 11.92 -15.07
CA ASP A 306 -4.50 12.37 -14.24
C ASP A 306 -5.25 11.14 -13.77
N LEU A 307 -5.21 10.87 -12.46
CA LEU A 307 -5.92 9.72 -11.88
C LEU A 307 -7.14 10.18 -11.09
N SER A 308 -8.31 9.70 -11.49
CA SER A 308 -9.56 9.98 -10.80
C SER A 308 -10.29 8.68 -10.55
N VAL A 309 -11.50 8.75 -10.02
CA VAL A 309 -12.27 7.56 -9.68
C VAL A 309 -13.63 7.59 -10.36
N SER A 310 -14.00 6.46 -10.96
CA SER A 310 -15.36 6.18 -11.42
C SER A 310 -16.07 7.31 -12.17
N ASN A 311 -15.46 7.83 -13.25
CA ASN A 311 -16.24 8.60 -14.22
C ASN A 311 -16.69 7.63 -15.30
N SER A 312 -17.80 6.95 -15.05
CA SER A 312 -18.38 6.03 -16.03
C SER A 312 -19.01 6.78 -17.21
N ILE A 313 -19.36 8.05 -16.99
CA ILE A 313 -19.89 8.91 -18.04
C ILE A 313 -18.82 9.23 -19.07
N ALA A 314 -17.69 9.77 -18.59
CA ALA A 314 -16.57 10.13 -19.46
C ALA A 314 -16.09 8.98 -20.35
N ILE A 315 -16.27 7.75 -19.88
CA ILE A 315 -15.96 6.55 -20.67
C ILE A 315 -16.92 6.38 -21.84
N ARG A 316 -18.21 6.58 -21.58
CA ARG A 316 -19.22 6.53 -22.64
C ARG A 316 -18.94 7.62 -23.68
N CYS A 317 -18.56 8.80 -23.19
CA CYS A 317 -18.17 9.90 -24.06
C CYS A 317 -16.95 9.52 -24.91
N SER A 318 -15.97 8.88 -24.29
CA SER A 318 -14.79 8.40 -25.01
C SER A 318 -15.17 7.39 -26.10
N GLU A 319 -16.15 6.54 -25.82
CA GLU A 319 -16.63 5.59 -26.82
C GLU A 319 -17.39 6.31 -27.95
N LEU A 320 -18.14 7.35 -27.61
CA LEU A 320 -18.86 8.11 -28.63
C LEU A 320 -17.89 8.69 -29.65
N LEU A 321 -16.88 9.40 -29.15
CA LEU A 321 -15.86 9.98 -30.00
C LEU A 321 -15.08 8.92 -30.74
N TYR A 322 -14.93 7.75 -30.14
CA TYR A 322 -14.28 6.62 -30.80
C TYR A 322 -15.07 6.25 -32.06
N ILE A 323 -16.39 6.15 -31.91
CA ILE A 323 -17.24 5.79 -33.04
C ILE A 323 -17.09 6.81 -34.16
N TYR A 324 -17.31 8.09 -33.83
CA TYR A 324 -17.19 9.17 -34.80
C TYR A 324 -15.83 9.15 -35.48
N GLY A 325 -14.77 8.95 -34.71
CA GLY A 325 -13.42 8.85 -35.27
C GLY A 325 -13.21 7.67 -36.21
N CYS A 326 -13.88 6.56 -35.96
CA CYS A 326 -13.77 5.37 -36.80
C CYS A 326 -14.64 5.42 -38.05
N LEU A 327 -15.76 6.15 -37.99
CA LEU A 327 -16.73 6.20 -39.10
C LEU A 327 -16.16 6.70 -40.42
N ASP A 328 -15.40 7.80 -40.38
CA ASP A 328 -14.87 8.43 -41.58
C ASP A 328 -13.50 9.05 -41.29
N PRO A 329 -12.51 8.87 -42.18
CA PRO A 329 -11.19 9.44 -41.93
C PRO A 329 -11.13 10.97 -41.99
N ARG A 330 -12.13 11.60 -42.61
CA ARG A 330 -12.21 13.06 -42.65
C ARG A 330 -12.43 13.63 -41.24
N VAL A 331 -13.12 12.89 -40.39
CA VAL A 331 -13.44 13.35 -39.04
C VAL A 331 -12.15 13.64 -38.27
N ARG A 332 -11.26 12.66 -38.23
CA ARG A 332 -10.01 12.79 -37.50
C ARG A 332 -9.11 13.84 -38.14
N ALA A 333 -9.02 13.81 -39.46
CA ALA A 333 -8.22 14.78 -40.22
C ALA A 333 -8.61 16.22 -39.86
N LEU A 334 -9.90 16.45 -39.73
CA LEU A 334 -10.44 17.78 -39.46
C LEU A 334 -10.11 18.22 -38.04
N VAL A 335 -10.33 17.33 -37.07
CA VAL A 335 -10.06 17.62 -35.66
C VAL A 335 -8.58 17.94 -35.45
N PHE A 336 -7.71 17.09 -35.97
CA PHE A 336 -6.26 17.29 -35.76
C PHE A 336 -5.80 18.64 -36.29
N SER A 337 -6.37 19.08 -37.41
CA SER A 337 -5.97 20.36 -37.99
C SER A 337 -6.52 21.54 -37.22
N LEU A 338 -7.80 21.49 -36.86
CA LEU A 338 -8.45 22.58 -36.17
C LEU A 338 -7.92 22.75 -34.75
N ARG A 339 -7.62 21.63 -34.10
CA ARG A 339 -7.01 21.64 -32.77
C ARG A 339 -5.62 22.26 -32.83
N CYS A 340 -4.87 21.97 -33.89
CA CYS A 340 -3.56 22.58 -34.11
C CYS A 340 -3.70 24.08 -34.37
N TRP A 341 -4.68 24.44 -35.19
CA TRP A 341 -5.02 25.82 -35.49
C TRP A 341 -5.27 26.62 -34.22
N ALA A 342 -6.12 26.08 -33.34
CA ALA A 342 -6.46 26.73 -32.09
C ALA A 342 -5.23 26.98 -31.21
N ARG A 343 -4.32 26.00 -31.14
CA ARG A 343 -3.09 26.15 -30.36
C ARG A 343 -2.21 27.28 -30.91
N VAL A 344 -2.07 27.34 -32.22
CA VAL A 344 -1.17 28.33 -32.85
C VAL A 344 -1.65 29.75 -32.58
N HIS A 345 -2.97 29.95 -32.56
CA HIS A 345 -3.53 31.28 -32.35
C HIS A 345 -3.92 31.58 -30.89
N GLY A 346 -3.43 30.76 -29.95
CA GLY A 346 -3.64 31.00 -28.52
C GLY A 346 -5.06 30.84 -28.02
N LEU A 347 -5.90 30.13 -28.77
CA LEU A 347 -7.30 29.90 -28.37
C LEU A 347 -7.39 28.82 -27.30
N THR A 348 -6.42 27.91 -27.30
CA THR A 348 -6.31 26.88 -26.27
C THR A 348 -5.04 27.11 -25.46
N ASN A 349 -4.95 26.43 -24.31
CA ASN A 349 -3.79 26.51 -23.44
C ASN A 349 -3.63 25.23 -22.61
N SER A 350 -2.40 24.98 -22.17
CA SER A 350 -2.09 23.81 -21.36
C SER A 350 -2.82 23.83 -20.01
N VAL A 351 -2.85 25.00 -19.36
CA VAL A 351 -3.50 25.14 -18.06
C VAL A 351 -4.97 25.53 -18.25
N PRO A 352 -5.88 24.99 -17.40
CA PRO A 352 -7.29 25.37 -17.50
C PRO A 352 -7.54 26.84 -17.15
N GLY A 353 -8.66 27.38 -17.62
CA GLY A 353 -9.01 28.78 -17.37
C GLY A 353 -10.23 29.21 -18.16
N THR A 354 -10.11 30.35 -18.84
CA THR A 354 -11.20 30.88 -19.65
C THR A 354 -11.12 30.42 -21.11
N TRP A 355 -10.03 29.75 -21.47
CA TRP A 355 -9.83 29.27 -22.83
C TRP A 355 -10.79 28.15 -23.18
N ILE A 356 -11.10 28.03 -24.47
CA ILE A 356 -11.84 26.88 -24.98
C ILE A 356 -10.88 25.69 -24.85
N THR A 357 -11.44 24.53 -24.49
CA THR A 357 -10.62 23.33 -24.35
C THR A 357 -10.67 22.52 -25.63
N ASN A 358 -9.61 21.76 -25.87
CA ASN A 358 -9.58 20.83 -26.99
C ASN A 358 -10.85 19.99 -27.02
N PHE A 359 -11.27 19.50 -25.86
CA PHE A 359 -12.46 18.67 -25.79
C PHE A 359 -13.72 19.43 -26.23
N SER A 360 -13.89 20.65 -25.74
CA SER A 360 -15.01 21.50 -26.15
C SER A 360 -14.96 21.73 -27.66
N LEU A 361 -13.79 22.15 -28.14
CA LEU A 361 -13.58 22.38 -29.57
C LEU A 361 -13.93 21.15 -30.37
N THR A 362 -13.49 19.99 -29.90
CA THR A 362 -13.75 18.73 -30.57
C THR A 362 -15.24 18.51 -30.72
N MET A 363 -16.00 18.81 -29.68
CA MET A 363 -17.46 18.65 -29.73
C MET A 363 -18.10 19.62 -30.71
N MET A 364 -17.59 20.85 -30.75
CA MET A 364 -18.05 21.82 -31.75
C MET A 364 -17.84 21.28 -33.16
N ILE A 365 -16.69 20.64 -33.40
CA ILE A 365 -16.38 20.05 -34.70
C ILE A 365 -17.34 18.93 -35.03
N MET A 366 -17.71 18.13 -34.03
CA MET A 366 -18.67 17.05 -34.24
C MET A 366 -20.05 17.61 -34.60
N PHE A 367 -20.44 18.68 -33.92
CA PHE A 367 -21.71 19.34 -34.21
C PHE A 367 -21.74 19.84 -35.65
N PHE A 368 -20.65 20.49 -36.07
CA PHE A 368 -20.49 20.92 -37.46
C PHE A 368 -20.72 19.76 -38.42
N LEU A 369 -20.06 18.63 -38.16
CA LEU A 369 -20.17 17.45 -39.02
C LEU A 369 -21.56 16.83 -39.02
N GLN A 370 -22.31 17.02 -37.93
CA GLN A 370 -23.71 16.58 -37.89
C GLN A 370 -24.62 17.43 -38.79
N LYS A 371 -24.23 18.69 -39.01
CA LYS A 371 -25.05 19.65 -39.75
C LYS A 371 -24.77 19.68 -41.27
N ARG A 372 -24.08 18.67 -41.80
CA ARG A 372 -23.77 18.62 -43.23
C ARG A 372 -24.97 18.13 -44.03
N SER A 373 -24.88 18.27 -45.35
CA SER A 373 -25.95 17.84 -46.27
C SER A 373 -25.39 16.91 -47.35
N PRO A 374 -25.52 15.58 -47.16
CA PRO A 374 -26.07 14.89 -46.00
C PRO A 374 -25.06 14.90 -44.84
N PRO A 375 -25.51 14.56 -43.61
CA PRO A 375 -24.59 14.55 -42.46
C PRO A 375 -23.44 13.58 -42.64
N ILE A 376 -22.25 13.97 -42.18
CA ILE A 376 -21.08 13.10 -42.24
C ILE A 376 -21.10 12.06 -41.11
N ILE A 377 -21.65 12.44 -39.96
CA ILE A 377 -21.82 11.51 -38.84
C ILE A 377 -23.24 11.57 -38.30
N PRO A 378 -23.74 10.44 -37.77
CA PRO A 378 -25.08 10.43 -37.19
C PRO A 378 -25.15 11.18 -35.87
N THR A 379 -26.36 11.55 -35.47
CA THR A 379 -26.57 12.22 -34.18
C THR A 379 -26.54 11.17 -33.07
N LEU A 380 -26.47 11.61 -31.83
CA LEU A 380 -26.45 10.67 -30.71
C LEU A 380 -27.79 9.96 -30.57
N ASP A 381 -28.89 10.71 -30.73
CA ASP A 381 -30.23 10.11 -30.69
C ASP A 381 -30.38 9.04 -31.76
N GLN A 382 -29.86 9.30 -32.96
CA GLN A 382 -29.82 8.30 -34.02
C GLN A 382 -29.10 7.03 -33.56
N LEU A 383 -28.00 7.20 -32.82
CA LEU A 383 -27.25 6.07 -32.29
C LEU A 383 -27.98 5.38 -31.14
N LYS A 384 -28.80 6.13 -30.40
CA LYS A 384 -29.59 5.56 -29.31
C LYS A 384 -30.69 4.63 -29.86
N GLU A 385 -31.33 5.04 -30.94
CA GLU A 385 -32.39 4.24 -31.57
C GLU A 385 -31.86 2.94 -32.17
N LEU A 386 -30.59 2.91 -32.52
CA LEU A 386 -29.95 1.70 -33.06
C LEU A 386 -29.40 0.76 -31.99
N ALA A 387 -29.44 1.20 -30.72
CA ALA A 387 -28.94 0.39 -29.61
C ALA A 387 -29.94 -0.69 -29.21
N ASP A 388 -29.46 -1.68 -28.46
CA ASP A 388 -30.31 -2.77 -27.94
C ASP A 388 -30.11 -2.89 -26.42
N GLU A 389 -30.50 -4.02 -25.84
CA GLU A 389 -30.37 -4.24 -24.40
C GLU A 389 -28.92 -4.31 -23.94
N LYS A 390 -28.09 -5.00 -24.71
CA LYS A 390 -26.65 -5.10 -24.42
C LYS A 390 -26.02 -3.71 -24.35
N ASP A 391 -26.43 -2.82 -25.25
CA ASP A 391 -25.90 -1.46 -25.32
C ASP A 391 -26.73 -0.45 -24.49
N LYS A 392 -27.61 -0.95 -23.63
CA LYS A 392 -28.49 -0.07 -22.84
C LYS A 392 -27.86 0.29 -21.50
N HIS A 393 -27.08 1.37 -21.48
CA HIS A 393 -26.41 1.83 -20.26
C HIS A 393 -27.11 3.03 -19.66
N VAL A 394 -27.57 2.90 -18.41
CA VAL A 394 -28.18 4.00 -17.67
C VAL A 394 -27.37 4.21 -16.39
N ILE A 395 -26.83 5.41 -16.23
CA ILE A 395 -25.90 5.71 -15.14
C ILE A 395 -26.36 6.93 -14.36
N GLY A 396 -26.69 6.73 -13.08
CA GLY A 396 -27.06 7.82 -12.18
C GLY A 396 -28.23 8.67 -12.63
N GLY A 397 -29.21 8.03 -13.29
CA GLY A 397 -30.42 8.72 -13.76
C GLY A 397 -30.41 9.08 -15.23
N TYR A 398 -29.22 9.25 -15.82
CA TYR A 398 -29.09 9.68 -17.21
C TYR A 398 -28.95 8.48 -18.16
N ASP A 399 -29.57 8.58 -19.34
CA ASP A 399 -29.48 7.54 -20.37
C ASP A 399 -28.24 7.75 -21.26
N CYS A 400 -27.33 6.78 -21.24
CA CYS A 400 -26.11 6.82 -22.04
C CYS A 400 -26.06 5.65 -23.01
N SER A 401 -27.22 5.24 -23.52
CA SER A 401 -27.31 4.10 -24.42
C SER A 401 -26.98 4.53 -25.85
N PHE A 402 -26.16 3.73 -26.53
CA PHE A 402 -25.93 3.86 -27.97
C PHE A 402 -25.20 2.65 -28.52
N VAL A 403 -25.35 2.41 -29.83
CA VAL A 403 -24.75 1.25 -30.49
C VAL A 403 -23.26 1.16 -30.24
N SER A 404 -22.75 -0.07 -30.13
CA SER A 404 -21.31 -0.33 -30.08
C SER A 404 -20.79 -0.89 -31.39
N ASP A 405 -21.61 -1.71 -32.06
CA ASP A 405 -21.27 -2.30 -33.36
C ASP A 405 -21.27 -1.23 -34.46
N LEU A 406 -20.21 -1.20 -35.27
CA LEU A 406 -20.04 -0.18 -36.31
C LEU A 406 -20.85 -0.48 -37.58
N SER A 407 -21.06 -1.76 -37.89
CA SER A 407 -21.78 -2.16 -39.11
C SER A 407 -23.26 -1.81 -39.05
N LYS A 408 -23.83 -1.70 -37.85
CA LYS A 408 -25.22 -1.29 -37.67
C LYS A 408 -25.47 0.18 -38.07
N ILE A 409 -24.39 0.93 -38.28
CA ILE A 409 -24.48 2.32 -38.73
C ILE A 409 -24.30 2.38 -40.25
N LYS A 410 -25.31 2.91 -40.93
CA LYS A 410 -25.25 3.09 -42.38
C LYS A 410 -24.20 4.15 -42.74
N PRO A 411 -23.28 3.83 -43.67
CA PRO A 411 -22.27 4.78 -44.14
C PRO A 411 -22.85 6.11 -44.64
N THR A 412 -22.02 7.13 -44.69
CA THR A 412 -22.44 8.46 -45.13
C THR A 412 -22.36 8.58 -46.66
N LYS A 413 -23.38 9.21 -47.24
CA LYS A 413 -23.39 9.50 -48.68
C LYS A 413 -22.55 10.74 -49.01
N ASN A 414 -22.29 11.57 -47.99
CA ASN A 414 -21.51 12.81 -48.15
C ASN A 414 -20.14 12.57 -48.79
N THR A 415 -19.80 13.40 -49.77
CA THR A 415 -18.54 13.29 -50.51
C THR A 415 -17.75 14.60 -50.53
N GLU A 416 -18.04 15.49 -49.59
CA GLU A 416 -17.36 16.77 -49.53
C GLU A 416 -15.88 16.55 -49.22
N THR A 417 -15.02 17.31 -49.88
CA THR A 417 -13.58 17.24 -49.62
C THR A 417 -13.23 18.05 -48.38
N LEU A 418 -12.02 17.84 -47.87
CA LEU A 418 -11.54 18.55 -46.69
C LEU A 418 -11.28 20.03 -46.99
N ASP A 419 -10.97 20.33 -48.25
CA ASP A 419 -10.81 21.72 -48.71
C ASP A 419 -12.07 22.50 -48.38
N GLU A 420 -13.22 21.92 -48.71
CA GLU A 420 -14.51 22.54 -48.45
C GLU A 420 -14.81 22.57 -46.95
N LEU A 421 -14.64 21.42 -46.29
CA LEU A 421 -15.03 21.28 -44.89
C LEU A 421 -14.27 22.20 -43.96
N LEU A 422 -12.97 22.34 -44.20
CA LEU A 422 -12.13 23.22 -43.39
C LEU A 422 -12.59 24.66 -43.50
N CYS A 423 -12.72 25.15 -44.72
CA CYS A 423 -13.17 26.52 -44.94
C CYS A 423 -14.60 26.73 -44.43
N ASP A 424 -15.48 25.75 -44.66
CA ASP A 424 -16.86 25.83 -44.18
C ASP A 424 -16.97 25.83 -42.67
N PHE A 425 -16.00 25.21 -41.99
CA PHE A 425 -15.98 25.22 -40.53
C PHE A 425 -15.81 26.66 -40.04
N PHE A 426 -14.80 27.33 -40.58
CA PHE A 426 -14.52 28.71 -40.22
C PHE A 426 -15.69 29.62 -40.59
N GLN A 427 -16.26 29.40 -41.76
CA GLN A 427 -17.41 30.16 -42.22
C GLN A 427 -18.61 29.96 -41.31
N TYR A 428 -18.91 28.70 -41.02
CA TYR A 428 -20.06 28.36 -40.19
C TYR A 428 -20.01 29.01 -38.81
N PHE A 429 -18.90 28.83 -38.09
CA PHE A 429 -18.77 29.36 -36.73
C PHE A 429 -18.40 30.84 -36.67
N GLY A 430 -17.84 31.36 -37.76
CA GLY A 430 -17.61 32.79 -37.89
C GLY A 430 -18.91 33.58 -38.06
N ASN A 431 -19.98 32.90 -38.48
CA ASN A 431 -21.29 33.53 -38.68
C ASN A 431 -22.38 32.94 -37.79
N PHE A 432 -21.96 32.15 -36.82
CA PHE A 432 -22.88 31.51 -35.88
C PHE A 432 -23.35 32.52 -34.84
N ASP A 433 -24.61 32.42 -34.44
CA ASP A 433 -25.18 33.32 -33.44
C ASP A 433 -25.04 32.71 -32.04
N PHE A 434 -23.92 33.00 -31.39
CA PHE A 434 -23.61 32.43 -30.08
C PHE A 434 -24.45 33.01 -28.93
N ARG A 435 -25.03 34.19 -29.14
CA ARG A 435 -25.93 34.80 -28.15
C ARG A 435 -27.26 34.06 -28.02
N LYS A 436 -27.82 33.64 -29.16
CA LYS A 436 -29.16 33.06 -29.21
C LYS A 436 -29.17 31.53 -29.34
N ASN A 437 -28.04 30.93 -29.70
CA ASN A 437 -27.99 29.49 -29.98
C ASN A 437 -26.99 28.71 -29.15
N SER A 438 -27.33 27.44 -28.90
CA SER A 438 -26.46 26.48 -28.24
C SER A 438 -26.33 25.23 -29.11
N LEU A 439 -25.26 24.46 -28.88
CA LEU A 439 -24.96 23.29 -29.69
C LEU A 439 -25.45 22.02 -29.00
N ASN A 440 -26.46 21.38 -29.60
CA ASN A 440 -27.02 20.13 -29.07
C ASN A 440 -26.67 18.96 -29.98
N LEU A 441 -25.81 18.08 -29.50
CA LEU A 441 -25.30 16.96 -30.30
C LEU A 441 -26.24 15.76 -30.33
N ARG A 442 -27.22 15.73 -29.42
CA ARG A 442 -28.21 14.67 -29.42
C ARG A 442 -29.12 14.81 -30.63
N LYS A 443 -29.71 15.99 -30.79
CA LYS A 443 -30.63 16.28 -31.88
C LYS A 443 -29.86 16.65 -33.15
N GLY A 444 -28.64 17.15 -32.99
CA GLY A 444 -27.85 17.63 -34.11
C GLY A 444 -28.44 18.92 -34.66
N LYS A 445 -28.87 19.80 -33.74
CA LYS A 445 -29.59 21.03 -34.11
C LYS A 445 -29.19 22.19 -33.22
N GLU A 446 -29.45 23.40 -33.70
CA GLU A 446 -29.24 24.62 -32.93
C GLU A 446 -30.50 24.88 -32.13
N VAL A 447 -30.36 25.17 -30.84
CA VAL A 447 -31.49 25.38 -29.95
C VAL A 447 -31.26 26.55 -29.00
N ASN A 448 -32.32 26.98 -28.32
CA ASN A 448 -32.22 28.04 -27.32
C ASN A 448 -31.38 27.60 -26.14
N LYS A 449 -30.68 28.56 -25.53
CA LYS A 449 -29.77 28.28 -24.44
C LYS A 449 -30.52 28.13 -23.12
N PRO A 450 -30.41 26.96 -22.47
CA PRO A 450 -31.07 26.77 -21.16
C PRO A 450 -30.61 27.80 -20.12
N GLU A 451 -29.33 28.15 -20.15
CA GLU A 451 -28.74 29.10 -19.21
C GLU A 451 -27.99 30.19 -19.96
N SER A 452 -27.81 31.34 -19.32
CA SER A 452 -27.03 32.43 -19.88
C SER A 452 -25.54 32.12 -19.76
N SER A 453 -24.88 31.91 -20.91
CA SER A 453 -23.45 31.60 -20.95
C SER A 453 -22.89 31.98 -22.33
N PRO A 454 -21.69 32.59 -22.38
CA PRO A 454 -21.14 33.01 -23.66
C PRO A 454 -21.18 31.92 -24.74
N LEU A 455 -20.59 30.76 -24.43
CA LEU A 455 -20.60 29.61 -25.33
C LEU A 455 -21.25 28.43 -24.61
N TYR A 456 -22.43 28.02 -25.08
CA TYR A 456 -23.15 26.90 -24.48
C TYR A 456 -23.15 25.69 -25.39
N ILE A 457 -22.47 24.62 -24.96
CA ILE A 457 -22.49 23.34 -25.64
C ILE A 457 -23.12 22.31 -24.70
N TRP A 458 -24.14 21.62 -25.19
CA TRP A 458 -24.88 20.66 -24.38
C TRP A 458 -24.05 19.43 -24.08
N ASN A 459 -23.88 19.11 -22.79
CA ASN A 459 -23.33 17.82 -22.41
C ASN A 459 -24.34 16.76 -22.85
N PRO A 460 -23.94 15.87 -23.76
CA PRO A 460 -24.90 14.94 -24.35
C PRO A 460 -25.42 13.86 -23.41
N PHE A 461 -24.77 13.66 -22.26
CA PHE A 461 -25.18 12.64 -21.30
C PHE A 461 -25.75 13.26 -20.03
N GLU A 462 -24.92 14.03 -19.31
CA GLU A 462 -25.40 14.80 -18.16
C GLU A 462 -26.02 16.11 -18.66
N GLN A 463 -27.24 16.01 -19.18
CA GLN A 463 -27.88 17.12 -19.93
C GLN A 463 -28.26 18.42 -19.21
N ASP A 464 -28.02 18.53 -17.91
CA ASP A 464 -28.20 19.80 -17.22
C ASP A 464 -26.99 20.73 -17.40
N LEU A 465 -25.95 20.25 -18.08
CA LEU A 465 -24.63 20.85 -17.98
C LEU A 465 -24.10 21.47 -19.28
N ASN A 466 -23.29 22.51 -19.12
CA ASN A 466 -22.62 23.17 -20.24
C ASN A 466 -21.13 22.80 -20.20
N ILE A 467 -20.69 22.00 -21.17
CA ILE A 467 -19.31 21.52 -21.16
C ILE A 467 -18.30 22.64 -21.36
N SER A 468 -18.76 23.80 -21.85
CA SER A 468 -17.90 24.95 -22.07
C SER A 468 -18.30 26.16 -21.20
N LYS A 469 -18.76 25.88 -19.98
CA LYS A 469 -19.16 26.91 -19.03
C LYS A 469 -18.01 27.86 -18.70
N ASN A 470 -16.80 27.32 -18.70
CA ASN A 470 -15.59 28.10 -18.38
C ASN A 470 -15.26 29.26 -19.34
N VAL A 471 -15.85 29.25 -20.53
CA VAL A 471 -15.49 30.21 -21.56
C VAL A 471 -16.19 31.56 -21.35
N ASN A 472 -15.40 32.63 -21.30
CA ASN A 472 -15.93 33.99 -21.19
C ASN A 472 -16.08 34.62 -22.58
N GLN A 473 -16.68 35.81 -22.63
CA GLN A 473 -16.95 36.49 -23.90
C GLN A 473 -15.67 36.92 -24.64
N PRO A 474 -14.67 37.45 -23.92
CA PRO A 474 -13.39 37.79 -24.56
C PRO A 474 -12.73 36.64 -25.34
N GLN A 475 -12.75 35.44 -24.78
CA GLN A 475 -12.16 34.28 -25.44
C GLN A 475 -13.01 33.80 -26.60
N LEU A 476 -14.33 33.88 -26.46
CA LEU A 476 -15.24 33.53 -27.55
C LEU A 476 -15.11 34.49 -28.73
N GLU A 477 -15.01 35.78 -28.43
CA GLU A 477 -14.85 36.79 -29.48
C GLU A 477 -13.55 36.60 -30.24
N LYS A 478 -12.50 36.19 -29.53
CA LYS A 478 -11.21 35.92 -30.15
C LYS A 478 -11.30 34.70 -31.07
N PHE A 479 -12.05 33.68 -30.65
CA PHE A 479 -12.28 32.50 -31.47
C PHE A 479 -12.97 32.87 -32.78
N VAL A 480 -14.03 33.67 -32.67
CA VAL A 480 -14.81 34.10 -33.82
C VAL A 480 -13.97 34.95 -34.77
N ALA A 481 -13.22 35.90 -34.22
CA ALA A 481 -12.36 36.77 -35.01
C ALA A 481 -11.33 35.96 -35.80
N MET A 482 -10.75 34.97 -35.14
CA MET A 482 -9.77 34.09 -35.78
C MET A 482 -10.44 33.19 -36.83
N ALA A 483 -11.66 32.75 -36.54
CA ALA A 483 -12.42 31.96 -37.50
C ALA A 483 -12.68 32.75 -38.77
N ARG A 484 -13.21 33.96 -38.62
CA ARG A 484 -13.55 34.82 -39.76
C ARG A 484 -12.31 35.23 -40.56
N GLU A 485 -11.21 35.52 -39.88
CA GLU A 485 -9.98 35.86 -40.58
C GLU A 485 -9.41 34.65 -41.34
N SER A 486 -9.56 33.46 -40.77
CA SER A 486 -9.05 32.24 -41.38
C SER A 486 -9.88 31.90 -42.63
N ALA A 487 -11.20 32.03 -42.51
CA ALA A 487 -12.07 31.88 -43.67
C ALA A 487 -11.66 32.82 -44.80
N TRP A 488 -11.44 34.09 -44.47
CA TRP A 488 -11.05 35.10 -45.44
C TRP A 488 -9.76 34.75 -46.15
N ILE A 489 -8.75 34.32 -45.39
CA ILE A 489 -7.46 33.94 -45.97
C ILE A 489 -7.62 32.81 -46.97
N LEU A 490 -8.38 31.78 -46.61
CA LEU A 490 -8.55 30.61 -47.48
C LEU A 490 -9.37 30.92 -48.73
N GLN A 491 -10.35 31.83 -48.61
CA GLN A 491 -11.17 32.23 -49.76
C GLN A 491 -10.37 33.07 -50.76
N LYS A 492 -9.68 34.09 -50.26
CA LYS A 492 -9.03 35.08 -51.11
C LYS A 492 -7.61 34.70 -51.58
N GLU A 493 -7.06 33.60 -51.07
CA GLU A 493 -5.69 33.20 -51.42
C GLU A 493 -5.60 32.62 -52.83
N ASP A 494 -4.58 33.05 -53.57
CA ASP A 494 -4.26 32.48 -54.87
C ASP A 494 -3.21 31.40 -54.65
N LYS A 495 -3.67 30.15 -54.54
CA LYS A 495 -2.82 29.03 -54.12
C LYS A 495 -1.59 28.81 -54.99
N THR A 496 -1.79 28.80 -56.31
CA THR A 496 -0.68 28.58 -57.24
C THR A 496 0.39 29.68 -57.14
N GLN A 497 -0.04 30.92 -56.91
CA GLN A 497 0.88 32.04 -56.76
C GLN A 497 1.74 31.93 -55.50
N GLN A 498 1.14 31.41 -54.42
CA GLN A 498 1.86 31.23 -53.15
C GLN A 498 2.86 30.07 -53.22
N MET A 499 2.48 28.98 -53.89
CA MET A 499 3.36 27.83 -54.09
C MET A 499 4.62 28.25 -54.85
N ILE A 500 4.43 28.95 -55.95
CA ILE A 500 5.53 29.42 -56.79
C ILE A 500 6.47 30.38 -56.04
N ASN A 501 5.89 31.29 -55.26
CA ASN A 501 6.68 32.25 -54.48
C ASN A 501 7.35 31.65 -53.23
N LYS A 502 7.19 30.34 -53.02
CA LYS A 502 7.73 29.65 -51.85
C LYS A 502 7.12 30.20 -50.55
N GLU A 503 5.81 30.47 -50.60
CA GLU A 503 5.07 31.05 -49.49
C GLU A 503 4.07 30.04 -48.93
N PRO A 504 3.54 30.31 -47.72
CA PRO A 504 2.53 29.43 -47.13
C PRO A 504 1.15 29.57 -47.78
N TRP A 505 0.44 28.45 -47.86
CA TRP A 505 -0.86 28.39 -48.52
C TRP A 505 -1.73 27.30 -47.89
N GLY A 506 -3.04 27.44 -48.01
CA GLY A 506 -3.99 26.48 -47.47
C GLY A 506 -3.85 26.33 -45.96
N LEU A 507 -3.82 25.09 -45.50
CA LEU A 507 -3.68 24.79 -44.08
C LEU A 507 -2.49 25.54 -43.49
N ALA A 508 -1.37 25.54 -44.19
CA ALA A 508 -0.16 26.21 -43.70
C ALA A 508 -0.35 27.72 -43.46
N ALA A 509 -1.25 28.34 -44.23
CA ALA A 509 -1.50 29.78 -44.11
C ALA A 509 -2.27 30.10 -42.84
N VAL A 510 -3.20 29.22 -42.47
CA VAL A 510 -3.97 29.39 -41.25
C VAL A 510 -3.28 28.79 -40.03
N LEU A 511 -2.14 28.13 -40.21
CA LEU A 511 -1.37 27.59 -39.09
C LEU A 511 -0.12 28.43 -38.76
N ILE A 512 -0.13 29.68 -39.19
CA ILE A 512 0.88 30.66 -38.75
C ILE A 512 0.16 31.85 -38.11
N PRO A 513 0.78 32.49 -37.12
CA PRO A 513 0.07 33.54 -36.37
C PRO A 513 -0.29 34.75 -37.23
N PHE A 514 -1.35 35.44 -36.83
CA PHE A 514 -1.79 36.65 -37.48
C PHE A 514 -1.37 37.85 -36.63
N LYS B 39 16.18 -26.93 20.86
CA LYS B 39 15.12 -25.94 21.20
C LYS B 39 15.70 -24.54 21.41
N THR B 40 16.28 -23.98 20.35
CA THR B 40 16.84 -22.64 20.40
C THR B 40 15.76 -21.60 20.15
N PHE B 41 16.01 -20.38 20.60
CA PHE B 41 15.06 -19.28 20.44
C PHE B 41 14.60 -19.12 19.00
N THR B 42 15.54 -19.19 18.06
CA THR B 42 15.23 -19.00 16.64
C THR B 42 14.38 -20.14 16.07
N GLU B 43 14.68 -21.37 16.47
CA GLU B 43 13.89 -22.53 16.06
C GLU B 43 12.43 -22.37 16.48
N VAL B 44 12.23 -22.00 17.74
CA VAL B 44 10.89 -21.78 18.30
C VAL B 44 10.13 -20.72 17.49
N GLN B 45 10.80 -19.61 17.20
CA GLN B 45 10.18 -18.53 16.42
C GLN B 45 9.67 -19.05 15.08
N THR B 46 10.55 -19.75 14.36
CA THR B 46 10.20 -20.29 13.05
C THR B 46 9.02 -21.26 13.14
N GLU B 47 9.02 -22.12 14.15
CA GLU B 47 7.95 -23.09 14.34
C GLU B 47 6.64 -22.40 14.68
N ARG B 48 6.70 -21.44 15.61
CA ARG B 48 5.52 -20.67 16.03
C ARG B 48 4.92 -19.90 14.87
N LEU B 49 5.77 -19.32 14.02
CA LEU B 49 5.31 -18.55 12.86
C LEU B 49 4.68 -19.46 11.79
N GLU B 50 5.26 -20.64 11.61
CA GLU B 50 4.74 -21.63 10.66
C GLU B 50 3.35 -22.11 11.07
N GLN B 51 3.14 -22.31 12.37
CA GLN B 51 1.82 -22.68 12.91
C GLN B 51 0.82 -21.53 12.79
N ALA B 52 1.28 -20.31 13.06
CA ALA B 52 0.44 -19.13 12.88
C ALA B 52 0.08 -18.93 11.41
N ASP B 53 0.99 -19.36 10.53
CA ASP B 53 0.79 -19.29 9.07
C ASP B 53 -0.45 -20.07 8.63
N ARG B 54 -0.74 -21.18 9.30
CA ARG B 54 -1.85 -22.05 8.93
C ARG B 54 -2.96 -22.08 9.99
N SER B 55 -3.22 -20.91 10.58
CA SER B 55 -4.29 -20.76 11.58
C SER B 55 -5.29 -19.70 11.13
N VAL B 56 -6.51 -19.77 11.67
CA VAL B 56 -7.56 -18.80 11.35
C VAL B 56 -8.36 -18.42 12.59
N LEU B 57 -9.05 -17.29 12.52
CA LEU B 57 -9.96 -16.83 13.57
C LEU B 57 -11.38 -16.85 13.04
N ILE B 58 -12.28 -17.44 13.82
CA ILE B 58 -13.67 -17.52 13.45
C ILE B 58 -14.51 -16.93 14.57
N LYS B 59 -15.27 -15.90 14.24
CA LYS B 59 -16.30 -15.39 15.14
C LYS B 59 -17.45 -16.39 15.11
N CYS B 60 -17.77 -16.96 16.26
CA CYS B 60 -18.74 -18.06 16.32
C CYS B 60 -20.16 -17.55 16.51
N PRO B 61 -21.15 -18.37 16.11
CA PRO B 61 -22.56 -18.04 16.35
C PRO B 61 -22.90 -17.94 17.83
N SER B 62 -23.98 -17.23 18.15
CA SER B 62 -24.43 -17.10 19.53
C SER B 62 -24.81 -18.46 20.10
N LYS B 63 -25.58 -19.23 19.35
CA LYS B 63 -25.89 -20.61 19.69
C LYS B 63 -24.79 -21.48 19.11
N LEU B 64 -23.81 -21.84 19.94
CA LEU B 64 -22.60 -22.51 19.47
C LEU B 64 -22.57 -24.01 19.76
N ASN B 65 -22.51 -24.80 18.71
CA ASN B 65 -22.32 -26.25 18.83
C ASN B 65 -20.89 -26.63 18.45
N GLU B 66 -20.04 -26.79 19.45
CA GLU B 66 -18.63 -27.14 19.26
C GLU B 66 -18.43 -28.30 18.29
N LYS B 67 -19.05 -29.44 18.61
CA LYS B 67 -18.91 -30.65 17.78
C LYS B 67 -19.22 -30.40 16.31
N LYS B 68 -20.35 -29.74 16.02
CA LYS B 68 -20.77 -29.47 14.64
C LYS B 68 -19.79 -28.54 13.91
N LEU B 69 -19.27 -27.56 14.63
CA LEU B 69 -18.30 -26.61 14.06
C LEU B 69 -17.01 -27.32 13.65
N LEU B 70 -16.47 -28.11 14.55
CA LEU B 70 -15.21 -28.82 14.29
C LEU B 70 -15.41 -29.92 13.27
N GLN B 71 -16.59 -30.55 13.29
CA GLN B 71 -16.95 -31.54 12.27
C GLN B 71 -16.93 -30.91 10.88
N TYR B 72 -17.51 -29.72 10.75
CA TYR B 72 -17.54 -29.04 9.46
C TYR B 72 -16.15 -28.61 9.00
N LEU B 73 -15.40 -27.95 9.89
CA LEU B 73 -14.05 -27.48 9.57
C LEU B 73 -13.10 -28.62 9.25
N SER B 74 -13.32 -29.78 9.86
CA SER B 74 -12.54 -30.98 9.58
C SER B 74 -12.65 -31.42 8.12
N SER B 75 -13.76 -31.09 7.47
CA SER B 75 -13.94 -31.39 6.04
C SER B 75 -12.96 -30.61 5.15
N HIS B 76 -12.36 -29.54 5.67
CA HIS B 76 -11.36 -28.78 4.92
C HIS B 76 -9.93 -29.25 5.20
N GLY B 77 -9.77 -30.21 6.11
CA GLY B 77 -8.46 -30.73 6.47
C GLY B 77 -8.34 -30.97 7.96
N LYS B 78 -7.28 -31.67 8.35
CA LYS B 78 -7.03 -32.00 9.75
C LYS B 78 -6.76 -30.76 10.59
N ILE B 79 -7.18 -30.80 11.84
CA ILE B 79 -7.01 -29.69 12.78
C ILE B 79 -6.08 -30.11 13.93
N ASP B 80 -4.88 -29.53 13.97
CA ASP B 80 -3.89 -29.84 15.00
C ASP B 80 -4.29 -29.34 16.38
N ASN B 81 -4.90 -28.16 16.44
CA ASN B 81 -5.21 -27.54 17.73
C ASN B 81 -6.26 -26.45 17.57
N TYR B 82 -7.03 -26.20 18.62
CA TYR B 82 -8.01 -25.13 18.62
C TYR B 82 -8.39 -24.75 20.03
N PHE B 83 -8.95 -23.56 20.20
CA PHE B 83 -9.52 -23.14 21.47
C PHE B 83 -10.49 -22.00 21.24
N PHE B 84 -11.26 -21.67 22.29
CA PHE B 84 -12.23 -20.58 22.24
C PHE B 84 -11.85 -19.48 23.23
N PHE B 85 -12.24 -18.24 22.94
CA PHE B 85 -12.02 -17.13 23.87
C PHE B 85 -13.07 -16.04 23.73
N GLU B 86 -13.24 -15.26 24.80
CA GLU B 86 -14.27 -14.22 24.89
C GLU B 86 -13.71 -12.87 24.48
N ASN B 87 -14.42 -12.20 23.58
CA ASN B 87 -14.02 -10.88 23.09
C ASN B 87 -15.17 -10.24 22.33
N ARG B 88 -16.12 -9.69 23.09
CA ARG B 88 -17.35 -9.18 22.52
C ARG B 88 -18.00 -10.28 21.67
N GLY B 89 -18.19 -11.45 22.30
CA GLY B 89 -18.67 -12.66 21.63
C GLY B 89 -17.64 -13.76 21.66
N ILE B 90 -18.08 -14.99 21.35
CA ILE B 90 -17.19 -16.14 21.37
C ILE B 90 -16.39 -16.19 20.07
N HIS B 91 -15.07 -16.25 20.18
CA HIS B 91 -14.19 -16.44 19.04
C HIS B 91 -13.42 -17.75 19.16
N ALA B 92 -12.95 -18.27 18.03
CA ALA B 92 -12.23 -19.53 18.01
C ALA B 92 -10.98 -19.40 17.15
N LEU B 93 -9.86 -19.84 17.69
CA LEU B 93 -8.66 -19.99 16.91
C LEU B 93 -8.61 -21.44 16.41
N ILE B 94 -8.37 -21.61 15.12
CA ILE B 94 -8.26 -22.94 14.52
C ILE B 94 -6.90 -23.04 13.85
N GLU B 95 -6.11 -24.03 14.27
CA GLU B 95 -4.78 -24.27 13.73
C GLU B 95 -4.81 -25.55 12.91
N PHE B 96 -4.83 -25.42 11.58
CA PHE B 96 -4.85 -26.59 10.69
C PHE B 96 -3.48 -27.24 10.60
N SER B 97 -3.46 -28.52 10.25
CA SER B 97 -2.20 -29.25 10.00
C SER B 97 -1.55 -28.80 8.69
N GLU B 98 -2.38 -28.37 7.74
CA GLU B 98 -1.93 -28.03 6.39
C GLU B 98 -2.29 -26.59 6.04
N LYS B 99 -1.40 -25.88 5.35
CA LYS B 99 -1.66 -24.51 4.91
C LYS B 99 -2.72 -24.45 3.80
N SER B 100 -2.91 -25.56 3.09
CA SER B 100 -3.91 -25.65 2.01
C SER B 100 -5.34 -25.56 2.54
N SER B 101 -5.56 -26.00 3.78
CA SER B 101 -6.88 -25.95 4.40
C SER B 101 -7.42 -24.52 4.55
N VAL B 102 -6.53 -23.53 4.61
CA VAL B 102 -6.93 -22.12 4.70
C VAL B 102 -7.58 -21.69 3.38
N ALA B 103 -6.89 -21.97 2.28
CA ALA B 103 -7.42 -21.67 0.95
C ALA B 103 -8.74 -22.41 0.71
N SER B 104 -8.76 -23.69 1.06
CA SER B 104 -9.97 -24.51 0.96
C SER B 104 -11.15 -23.81 1.63
N LEU B 105 -10.95 -23.38 2.87
CA LEU B 105 -11.98 -22.67 3.62
C LEU B 105 -12.33 -21.33 2.96
N GLN B 106 -11.31 -20.60 2.52
CA GLN B 106 -11.53 -19.31 1.87
C GLN B 106 -12.38 -19.44 0.60
N ALA B 107 -12.20 -20.54 -0.12
CA ALA B 107 -12.92 -20.79 -1.37
C ALA B 107 -14.45 -20.81 -1.18
N VAL B 108 -14.91 -21.26 -0.03
CA VAL B 108 -16.36 -21.30 0.27
C VAL B 108 -16.83 -20.13 1.16
N THR B 109 -15.99 -19.11 1.32
CA THR B 109 -16.32 -17.95 2.14
C THR B 109 -16.66 -16.77 1.25
N GLY B 110 -17.76 -16.10 1.55
CA GLY B 110 -18.25 -15.00 0.72
C GLY B 110 -17.98 -13.63 1.30
N ILE B 111 -18.39 -12.61 0.54
CA ILE B 111 -18.24 -11.22 0.97
C ILE B 111 -19.56 -10.77 1.58
N PRO B 112 -19.50 -9.97 2.67
CA PRO B 112 -20.72 -9.40 3.24
C PRO B 112 -21.41 -8.47 2.25
N LYS B 113 -22.73 -8.34 2.34
CA LYS B 113 -23.47 -7.58 1.34
C LYS B 113 -24.64 -6.83 1.97
N ALA B 114 -24.48 -5.51 2.16
CA ALA B 114 -25.47 -4.67 2.81
C ALA B 114 -26.21 -3.75 1.80
N ALA B 115 -27.02 -2.82 2.33
CA ALA B 115 -27.71 -1.83 1.48
C ALA B 115 -26.76 -0.72 1.02
N GLU B 116 -26.05 -0.11 1.97
CA GLU B 116 -24.97 0.83 1.64
C GLU B 116 -23.84 0.10 0.89
N HIS B 117 -23.53 -1.11 1.36
CA HIS B 117 -22.77 -2.11 0.59
C HIS B 117 -21.36 -1.69 0.19
N HIS B 118 -20.64 -1.07 1.13
CA HIS B 118 -19.32 -0.52 0.86
C HIS B 118 -18.28 -0.99 1.88
N VAL B 119 -17.63 -2.11 1.55
CA VAL B 119 -16.54 -2.67 2.34
C VAL B 119 -15.26 -2.66 1.54
N VAL B 120 -14.13 -2.76 2.22
CA VAL B 120 -12.85 -2.92 1.57
C VAL B 120 -12.62 -4.41 1.38
N PRO B 121 -12.61 -4.90 0.12
CA PRO B 121 -12.62 -6.34 -0.13
C PRO B 121 -11.26 -7.02 0.03
N TYR B 122 -10.51 -6.66 1.06
CA TYR B 122 -9.29 -7.39 1.41
C TYR B 122 -9.68 -8.68 2.09
N LYS B 123 -9.21 -9.80 1.55
CA LYS B 123 -9.56 -11.12 2.07
C LYS B 123 -8.45 -11.60 2.99
N SER B 124 -8.82 -11.90 4.24
CA SER B 124 -7.84 -12.32 5.24
C SER B 124 -8.17 -13.70 5.78
N ARG B 125 -7.74 -13.96 7.02
CA ARG B 125 -8.07 -15.20 7.72
C ARG B 125 -8.96 -14.91 8.94
N LEU B 126 -9.79 -13.89 8.81
CA LEU B 126 -10.80 -13.57 9.81
C LEU B 126 -12.17 -13.87 9.22
N PHE B 127 -12.88 -14.82 9.82
CA PHE B 127 -14.16 -15.31 9.34
C PHE B 127 -15.28 -15.04 10.34
N THR B 128 -16.51 -15.08 9.85
CA THR B 128 -17.70 -14.95 10.68
C THR B 128 -18.70 -16.04 10.29
N PHE B 129 -18.99 -16.93 11.24
CA PHE B 129 -19.91 -18.04 11.00
C PHE B 129 -21.27 -17.72 11.63
N THR B 130 -22.33 -17.88 10.85
CA THR B 130 -23.70 -17.77 11.35
C THR B 130 -24.53 -18.97 10.90
N LEU B 131 -25.65 -19.21 11.59
CA LEU B 131 -26.52 -20.34 11.28
C LEU B 131 -27.44 -20.01 10.11
N LYS B 132 -27.65 -20.99 9.23
CA LYS B 132 -28.60 -20.84 8.13
C LYS B 132 -30.02 -20.66 8.67
N ASN B 133 -30.47 -21.62 9.48
CA ASN B 133 -31.79 -21.56 10.15
C ASN B 133 -31.68 -21.42 11.68
N PRO B 134 -31.52 -20.19 12.19
CA PRO B 134 -31.26 -20.01 13.63
C PRO B 134 -32.39 -20.43 14.56
N GLY B 135 -33.64 -20.32 14.10
CA GLY B 135 -34.81 -20.61 14.92
C GLY B 135 -35.24 -22.07 14.88
N SER B 136 -34.36 -22.95 14.43
CA SER B 136 -34.67 -24.37 14.35
C SER B 136 -33.59 -25.23 15.01
N GLN B 137 -32.87 -24.64 15.98
CA GLN B 137 -31.72 -25.24 16.62
C GLN B 137 -31.80 -24.96 18.11
N ALA B 138 -31.69 -26.00 18.94
CA ALA B 138 -31.88 -25.87 20.38
C ALA B 138 -30.83 -26.64 21.19
N ALA B 139 -29.58 -26.66 20.70
CA ALA B 139 -28.44 -27.24 21.46
C ALA B 139 -27.78 -26.10 22.24
N GLU B 140 -28.56 -25.52 23.15
CA GLU B 140 -28.16 -24.29 23.85
C GLU B 140 -27.10 -24.53 24.91
N GLU B 141 -27.32 -25.55 25.75
CA GLU B 141 -26.40 -25.87 26.84
C GLU B 141 -25.33 -26.85 26.36
N ARG B 142 -24.19 -26.32 25.91
CA ARG B 142 -23.07 -27.15 25.49
C ARG B 142 -22.33 -27.61 26.74
N PRO B 143 -21.68 -26.69 27.47
CA PRO B 143 -21.23 -25.32 27.17
C PRO B 143 -19.78 -25.37 26.67
N VAL B 144 -19.13 -24.22 26.46
CA VAL B 144 -17.82 -24.20 25.83
C VAL B 144 -16.73 -23.70 26.79
N LYS B 145 -15.56 -24.34 26.75
CA LYS B 145 -14.40 -23.95 27.56
C LYS B 145 -13.76 -22.67 27.00
N ILE B 146 -13.76 -21.62 27.83
CA ILE B 146 -13.21 -20.33 27.44
C ILE B 146 -11.81 -20.16 28.00
N SER B 147 -10.82 -20.10 27.11
CA SER B 147 -9.45 -19.83 27.51
C SER B 147 -9.29 -18.35 27.84
N PRO B 148 -8.88 -18.02 29.07
CA PRO B 148 -8.78 -16.62 29.45
C PRO B 148 -7.58 -15.94 28.78
N GLN B 149 -7.72 -14.64 28.50
CA GLN B 149 -6.63 -13.87 27.90
C GLN B 149 -6.18 -12.68 28.75
N SER B 150 -6.76 -12.54 29.94
CA SER B 150 -6.28 -11.57 30.92
C SER B 150 -6.16 -12.28 32.26
N HIS B 151 -5.26 -11.77 33.10
CA HIS B 151 -5.08 -12.33 34.43
C HIS B 151 -6.05 -11.70 35.42
N ILE B 152 -6.26 -12.40 36.53
CA ILE B 152 -7.08 -11.87 37.62
C ILE B 152 -6.48 -10.58 38.17
N PRO B 153 -7.32 -9.66 38.64
CA PRO B 153 -6.81 -8.41 39.22
C PRO B 153 -6.19 -8.63 40.59
N VAL B 154 -5.38 -7.68 41.04
CA VAL B 154 -4.63 -7.80 42.28
C VAL B 154 -5.51 -8.14 43.48
N ASN B 155 -6.64 -7.44 43.62
CA ASN B 155 -7.53 -7.68 44.75
C ASN B 155 -8.07 -9.11 44.86
N GLU B 156 -8.12 -9.83 43.73
CA GLU B 156 -8.46 -11.26 43.74
C GLU B 156 -7.22 -12.12 44.04
N LEU B 157 -6.06 -11.61 43.68
CA LEU B 157 -4.79 -12.33 43.85
C LEU B 157 -4.30 -12.34 45.30
N ILE B 158 -4.50 -11.22 46.01
CA ILE B 158 -4.02 -11.07 47.38
C ILE B 158 -4.51 -12.19 48.31
N PRO B 159 -5.84 -12.47 48.32
CA PRO B 159 -6.34 -13.61 49.09
C PRO B 159 -5.60 -14.93 48.83
N LYS B 160 -5.39 -15.25 47.55
CA LYS B 160 -4.72 -16.51 47.18
C LYS B 160 -3.30 -16.59 47.73
N LEU B 161 -2.62 -15.45 47.78
CA LEU B 161 -1.25 -15.39 48.28
C LEU B 161 -1.21 -15.55 49.80
N CYS B 162 -2.19 -14.98 50.49
CA CYS B 162 -2.28 -15.08 51.95
C CYS B 162 -2.55 -16.53 52.37
N HIS B 163 -3.30 -17.24 51.55
CA HIS B 163 -3.71 -18.62 51.77
C HIS B 163 -2.61 -19.63 51.40
N ALA B 164 -1.47 -19.17 50.89
CA ALA B 164 -0.35 -20.05 50.55
C ALA B 164 0.49 -20.37 51.78
N ASP B 165 1.44 -21.30 51.63
CA ASP B 165 2.25 -21.77 52.77
C ASP B 165 3.46 -20.89 53.07
N SER B 166 4.25 -20.58 52.04
CA SER B 166 5.48 -19.81 52.20
C SER B 166 5.54 -18.69 51.16
N ILE B 167 6.57 -17.86 51.26
CA ILE B 167 6.77 -16.76 50.31
C ILE B 167 7.12 -17.31 48.93
N SER B 168 7.99 -18.32 48.89
CA SER B 168 8.36 -18.98 47.65
C SER B 168 7.13 -19.39 46.84
N SER B 169 6.14 -19.96 47.52
CA SER B 169 4.91 -20.39 46.87
C SER B 169 4.05 -19.23 46.39
N GLN B 170 3.99 -18.17 47.19
CA GLN B 170 3.28 -16.95 46.80
C GLN B 170 3.75 -16.45 45.43
N MET B 171 5.06 -16.44 45.24
CA MET B 171 5.66 -15.96 44.00
C MET B 171 5.33 -16.86 42.82
N TYR B 172 5.36 -18.17 43.04
CA TYR B 172 5.01 -19.13 41.98
C TYR B 172 3.52 -19.10 41.65
N ILE B 173 2.67 -18.86 42.64
CA ILE B 173 1.24 -18.68 42.39
C ILE B 173 1.02 -17.46 41.49
N LEU B 174 1.73 -16.37 41.80
CA LEU B 174 1.62 -15.15 41.02
C LEU B 174 2.11 -15.43 39.61
N LEU B 175 3.29 -16.02 39.51
CA LEU B 175 3.86 -16.40 38.22
C LEU B 175 2.87 -17.17 37.36
N ASN B 176 2.13 -18.09 37.97
CA ASN B 176 1.22 -18.96 37.24
C ASN B 176 -0.09 -18.29 36.83
N GLU B 177 -0.57 -17.36 37.65
CA GLU B 177 -1.78 -16.62 37.31
C GLU B 177 -1.52 -15.58 36.21
N TYR B 178 -0.26 -15.17 36.08
CA TYR B 178 0.10 -14.02 35.25
C TYR B 178 0.72 -14.39 33.91
N GLN B 179 1.52 -15.47 33.88
CA GLN B 179 2.29 -15.80 32.69
C GLN B 179 1.42 -16.07 31.46
N LEU B 180 2.04 -15.99 30.30
CA LEU B 180 1.35 -16.26 29.05
C LEU B 180 0.95 -17.72 28.98
N THR B 181 -0.29 -17.98 28.61
CA THR B 181 -0.76 -19.34 28.36
C THR B 181 -0.40 -19.73 26.94
N GLU B 182 -0.44 -21.03 26.67
CA GLU B 182 -0.16 -21.54 25.33
C GLU B 182 -1.12 -20.94 24.28
N GLU B 183 -2.36 -20.73 24.69
CA GLU B 183 -3.38 -20.19 23.81
C GLU B 183 -3.11 -18.71 23.48
N ASN B 184 -2.70 -17.95 24.49
CA ASN B 184 -2.40 -16.54 24.31
C ASN B 184 -1.20 -16.35 23.40
N ILE B 185 -0.23 -17.26 23.50
CA ILE B 185 0.97 -17.19 22.67
C ILE B 185 0.62 -17.41 21.19
N LYS B 186 -0.20 -18.44 20.92
CA LYS B 186 -0.67 -18.67 19.54
C LYS B 186 -1.39 -17.44 19.00
N LEU B 187 -2.16 -16.78 19.86
CA LEU B 187 -2.90 -15.58 19.48
C LEU B 187 -1.97 -14.42 19.12
N ARG B 188 -0.82 -14.34 19.79
CA ARG B 188 0.14 -13.27 19.53
C ARG B 188 0.85 -13.45 18.20
N TYR B 189 1.36 -14.65 17.96
CA TYR B 189 2.01 -14.98 16.70
C TYR B 189 1.05 -14.86 15.51
N LEU B 190 -0.22 -15.16 15.73
CA LEU B 190 -1.23 -15.00 14.70
C LEU B 190 -1.38 -13.53 14.33
N ALA B 191 -1.41 -12.65 15.34
CA ALA B 191 -1.54 -11.21 15.09
C ALA B 191 -0.42 -10.74 14.19
N CYS B 192 0.80 -11.17 14.48
CA CYS B 192 1.95 -10.87 13.65
C CYS B 192 1.74 -11.41 12.23
N SER B 193 1.26 -12.64 12.14
CA SER B 193 1.02 -13.29 10.85
C SER B 193 -0.01 -12.53 10.01
N LEU B 194 -1.04 -12.00 10.66
CA LEU B 194 -2.07 -11.24 9.95
C LEU B 194 -1.54 -9.92 9.44
N VAL B 195 -0.65 -9.30 10.21
CA VAL B 195 -0.01 -8.05 9.80
C VAL B 195 0.98 -8.32 8.69
N ARG B 196 1.64 -9.48 8.75
CA ARG B 196 2.53 -9.91 7.68
C ARG B 196 1.79 -9.93 6.34
N ASP B 197 0.63 -10.58 6.31
CA ASP B 197 -0.12 -10.78 5.07
C ASP B 197 -0.61 -9.44 4.58
N PHE B 198 -1.00 -8.59 5.52
CA PHE B 198 -1.44 -7.25 5.18
C PHE B 198 -0.29 -6.41 4.59
N ALA B 199 0.89 -6.49 5.21
CA ALA B 199 2.10 -5.85 4.69
C ALA B 199 2.51 -6.45 3.35
N ARG B 200 2.21 -7.74 3.16
CA ARG B 200 2.57 -8.47 1.93
C ARG B 200 1.76 -8.05 0.70
N ALA B 201 0.74 -7.23 0.89
CA ALA B 201 0.02 -6.61 -0.21
C ALA B 201 0.96 -5.76 -1.09
N TYR B 202 1.86 -5.01 -0.46
CA TYR B 202 2.83 -4.16 -1.19
C TYR B 202 4.24 -4.75 -1.21
N PHE B 203 4.56 -5.60 -0.23
CA PHE B 203 5.90 -6.15 -0.06
C PHE B 203 5.83 -7.66 0.14
N PRO B 204 5.70 -8.43 -0.96
CA PRO B 204 5.41 -9.88 -0.90
C PRO B 204 6.41 -10.74 -0.13
N ASP B 205 7.66 -10.30 -0.03
CA ASP B 205 8.69 -11.09 0.66
C ASP B 205 8.86 -10.69 2.14
N SER B 206 7.93 -9.88 2.65
CA SER B 206 8.00 -9.42 4.04
C SER B 206 7.76 -10.52 5.05
N THR B 207 8.28 -10.30 6.26
CA THR B 207 7.93 -11.10 7.43
C THR B 207 7.70 -10.15 8.61
N VAL B 208 6.86 -10.58 9.55
CA VAL B 208 6.63 -9.84 10.79
C VAL B 208 6.88 -10.75 11.99
N LYS B 209 7.99 -10.55 12.68
CA LYS B 209 8.36 -11.36 13.84
C LYS B 209 8.15 -10.56 15.13
N PRO B 210 7.55 -11.19 16.16
CA PRO B 210 7.40 -10.51 17.44
C PRO B 210 8.71 -10.48 18.23
N PHE B 211 8.84 -9.50 19.11
CA PHE B 211 9.96 -9.44 20.04
C PHE B 211 9.48 -8.91 21.42
N GLY B 212 10.42 -8.70 22.33
CA GLY B 212 10.10 -8.17 23.65
C GLY B 212 9.39 -9.17 24.53
N SER B 213 8.55 -8.68 25.44
CA SER B 213 7.95 -9.53 26.46
C SER B 213 7.13 -10.70 25.89
N SER B 214 6.59 -10.52 24.69
CA SER B 214 5.77 -11.56 24.06
C SER B 214 6.52 -12.87 23.84
N VAL B 215 7.84 -12.81 23.70
CA VAL B 215 8.63 -13.99 23.35
C VAL B 215 9.84 -14.26 24.24
N ASN B 216 10.13 -13.39 25.20
CA ASN B 216 11.31 -13.56 26.05
C ASN B 216 11.04 -14.29 27.38
N THR B 217 9.89 -14.96 27.47
CA THR B 217 9.45 -15.72 28.66
C THR B 217 8.94 -14.86 29.83
N PHE B 218 9.16 -13.55 29.79
CA PHE B 218 8.73 -12.67 30.87
C PHE B 218 7.40 -11.98 30.57
N GLY B 219 6.70 -12.45 29.55
CA GLY B 219 5.43 -11.87 29.17
C GLY B 219 4.31 -12.25 30.12
N LYS B 220 3.41 -11.30 30.36
CA LYS B 220 2.24 -11.55 31.19
C LYS B 220 0.98 -11.25 30.39
N LEU B 221 -0.12 -11.87 30.77
CA LEU B 221 -1.38 -11.66 30.09
C LEU B 221 -1.75 -10.17 30.12
N GLY B 222 -2.15 -9.64 28.97
CA GLY B 222 -2.53 -8.24 28.84
C GLY B 222 -1.42 -7.33 28.34
N CYS B 223 -0.20 -7.85 28.21
CA CYS B 223 0.91 -7.04 27.73
C CYS B 223 0.83 -6.87 26.21
N ASP B 224 1.46 -5.81 25.71
CA ASP B 224 1.39 -5.49 24.30
C ASP B 224 2.21 -6.45 23.44
N VAL B 225 1.91 -6.48 22.15
CA VAL B 225 2.67 -7.27 21.19
C VAL B 225 3.59 -6.35 20.43
N ASP B 226 4.89 -6.51 20.63
CA ASP B 226 5.89 -5.71 19.92
C ASP B 226 6.29 -6.46 18.65
N MET B 227 6.03 -5.86 17.49
CA MET B 227 6.26 -6.48 16.18
C MET B 227 7.29 -5.71 15.40
N PHE B 228 8.15 -6.40 14.67
CA PHE B 228 9.05 -5.72 13.76
C PHE B 228 8.95 -6.30 12.35
N LEU B 229 9.00 -5.39 11.38
CA LEU B 229 8.86 -5.71 9.95
C LEU B 229 10.23 -5.93 9.34
N ASP B 230 10.39 -7.09 8.70
CA ASP B 230 11.68 -7.49 8.11
C ASP B 230 11.52 -7.78 6.61
N PHE B 231 12.58 -7.57 5.84
CA PHE B 231 12.56 -7.73 4.39
C PHE B 231 13.57 -8.80 3.93
N HIS B 232 13.07 -9.90 3.37
CA HIS B 232 13.93 -10.97 2.86
C HIS B 232 13.26 -11.74 1.70
N LYS B 242 22.00 -17.76 -11.17
CA LYS B 242 22.42 -16.59 -11.93
C LYS B 242 22.97 -17.00 -13.31
N LYS B 243 22.13 -17.61 -14.13
CA LYS B 243 22.49 -17.92 -15.52
C LYS B 243 22.19 -16.72 -16.43
N GLY B 244 23.04 -16.53 -17.44
CA GLY B 244 22.87 -15.47 -18.43
C GLY B 244 23.83 -14.31 -18.28
N PRO B 245 23.84 -13.38 -19.25
CA PRO B 245 24.86 -12.35 -19.33
C PRO B 245 24.56 -11.02 -18.61
N PHE B 246 23.37 -10.89 -18.00
CA PHE B 246 22.97 -9.62 -17.37
C PHE B 246 22.85 -9.69 -15.86
N GLU B 247 23.30 -8.63 -15.18
CA GLU B 247 22.93 -8.38 -13.78
C GLU B 247 21.64 -7.56 -13.80
N MET B 248 20.57 -8.16 -13.28
CA MET B 248 19.24 -7.61 -13.41
C MET B 248 18.71 -7.12 -12.07
N GLU B 249 18.36 -5.84 -12.00
CA GLU B 249 17.89 -5.23 -10.76
C GLU B 249 16.59 -4.48 -10.98
N TYR B 250 15.82 -4.34 -9.91
CA TYR B 250 14.64 -3.48 -9.91
C TYR B 250 15.06 -2.01 -9.90
N GLN B 251 14.23 -1.16 -10.48
CA GLN B 251 14.34 0.27 -10.27
C GLN B 251 13.60 0.57 -8.98
N MET B 252 14.28 1.25 -8.06
CA MET B 252 13.72 1.57 -6.75
C MET B 252 14.23 2.94 -6.33
N LYS B 253 13.37 3.73 -5.69
CA LYS B 253 13.72 5.10 -5.30
C LYS B 253 14.86 5.08 -4.27
N ARG B 254 15.92 5.82 -4.57
CA ARG B 254 17.12 5.89 -3.75
C ARG B 254 16.97 7.01 -2.72
N LEU B 255 16.68 6.64 -1.47
CA LEU B 255 16.59 7.60 -0.37
C LEU B 255 17.89 7.60 0.44
N PRO B 256 18.17 8.70 1.16
CA PRO B 256 19.42 8.71 1.91
C PRO B 256 19.59 7.53 2.88
N SER B 257 18.80 7.46 3.95
CA SER B 257 18.99 6.43 4.96
C SER B 257 17.77 5.52 5.17
N GLU B 258 18.07 4.36 5.77
CA GLU B 258 17.07 3.45 6.35
C GLU B 258 15.93 4.23 6.97
N ARG B 259 16.28 5.25 7.76
CA ARG B 259 15.30 5.99 8.53
C ARG B 259 14.17 6.61 7.70
N LEU B 260 14.51 7.20 6.54
CA LEU B 260 13.49 7.86 5.71
C LEU B 260 12.57 6.85 5.03
N ALA B 261 13.14 5.74 4.57
CA ALA B 261 12.35 4.64 4.00
C ALA B 261 11.40 4.09 5.04
N THR B 262 11.98 3.68 6.16
CA THR B 262 11.24 3.19 7.31
C THR B 262 10.04 4.06 7.64
N GLN B 263 10.24 5.37 7.69
CA GLN B 263 9.18 6.31 7.99
C GLN B 263 8.10 6.30 6.90
N LYS B 264 8.52 6.28 5.64
CA LYS B 264 7.57 6.27 4.52
C LYS B 264 6.75 4.98 4.50
N ILE B 265 7.42 3.85 4.72
CA ILE B 265 6.75 2.55 4.74
C ILE B 265 5.73 2.47 5.86
N LEU B 266 6.16 2.76 7.08
CA LEU B 266 5.26 2.68 8.24
C LEU B 266 4.10 3.65 8.11
N SER B 267 4.36 4.81 7.53
CA SER B 267 3.30 5.80 7.30
C SER B 267 2.21 5.24 6.40
N ILE B 268 2.63 4.57 5.32
CA ILE B 268 1.68 4.02 4.37
C ILE B 268 0.97 2.79 4.94
N ILE B 269 1.72 1.87 5.56
CA ILE B 269 1.09 0.73 6.23
C ILE B 269 0.11 1.20 7.31
N GLY B 270 0.49 2.22 8.06
CA GLY B 270 -0.40 2.82 9.05
C GLY B 270 -1.73 3.24 8.46
N ASP B 271 -1.67 4.03 7.39
CA ASP B 271 -2.89 4.50 6.71
C ASP B 271 -3.71 3.34 6.18
N CYS B 272 -3.03 2.30 5.72
CA CYS B 272 -3.70 1.11 5.21
C CYS B 272 -4.41 0.34 6.32
N LEU B 273 -3.74 0.17 7.46
CA LEU B 273 -4.39 -0.48 8.60
C LEU B 273 -5.63 0.31 9.03
N ASP B 274 -5.48 1.63 9.07
CA ASP B 274 -6.56 2.51 9.52
C ASP B 274 -7.75 2.45 8.59
N ASN B 275 -7.50 2.53 7.29
CA ASN B 275 -8.60 2.65 6.32
C ASN B 275 -9.01 1.35 5.65
N PHE B 276 -8.09 0.39 5.51
CA PHE B 276 -8.38 -0.88 4.83
C PHE B 276 -8.39 -2.14 5.69
N GLY B 277 -7.63 -2.14 6.78
CA GLY B 277 -7.40 -3.33 7.62
C GLY B 277 -8.59 -3.71 8.49
N PRO B 278 -9.04 -4.99 8.45
CA PRO B 278 -10.22 -5.38 9.25
C PRO B 278 -9.94 -5.61 10.75
N GLY B 279 -10.63 -4.87 11.62
CA GLY B 279 -10.42 -4.96 13.08
C GLY B 279 -9.30 -4.11 13.64
N TYR B 280 -8.57 -3.40 12.78
CA TYR B 280 -7.52 -2.48 13.25
C TYR B 280 -8.16 -1.16 13.68
N SER B 281 -7.53 -0.47 14.62
CA SER B 281 -8.15 0.67 15.32
C SER B 281 -7.14 1.46 16.13
N SER B 282 -7.50 2.70 16.45
CA SER B 282 -6.65 3.59 17.23
C SER B 282 -5.23 3.58 16.68
N VAL B 283 -5.11 3.79 15.39
CA VAL B 283 -3.79 3.78 14.74
C VAL B 283 -3.10 5.11 15.03
N GLN B 284 -1.86 5.02 15.52
CA GLN B 284 -1.10 6.20 15.96
C GLN B 284 0.29 6.08 15.37
N LYS B 285 0.70 7.08 14.59
CA LYS B 285 2.02 7.08 13.98
C LYS B 285 3.00 7.85 14.87
N ILE B 286 4.11 7.22 15.20
CA ILE B 286 5.17 7.86 15.98
C ILE B 286 6.46 7.64 15.21
N LEU B 287 6.57 8.38 14.12
CA LEU B 287 7.63 8.15 13.13
C LEU B 287 8.92 8.90 13.46
N ASN B 288 8.87 9.80 14.44
CA ASN B 288 10.02 10.62 14.81
C ASN B 288 10.80 10.12 16.04
N ALA B 289 10.38 9.00 16.61
CA ALA B 289 11.12 8.38 17.72
C ALA B 289 12.46 7.85 17.24
N ARG B 290 13.36 7.58 18.19
CA ARG B 290 14.69 7.02 17.88
C ARG B 290 14.55 5.73 17.06
N CYS B 291 13.48 4.99 17.31
CA CYS B 291 13.10 3.84 16.51
C CYS B 291 11.66 4.03 15.99
N PRO B 292 11.48 4.44 14.72
CA PRO B 292 10.14 4.75 14.21
C PRO B 292 9.14 3.61 14.38
N LEU B 293 7.88 3.96 14.64
CA LEU B 293 6.93 3.04 15.21
C LEU B 293 5.48 3.42 14.93
N VAL B 294 4.62 2.41 14.73
CA VAL B 294 3.17 2.60 14.59
C VAL B 294 2.40 1.74 15.60
N LYS B 295 1.53 2.39 16.37
CA LYS B 295 0.74 1.73 17.41
C LYS B 295 -0.68 1.54 16.93
N PHE B 296 -1.27 0.41 17.30
CA PHE B 296 -2.66 0.13 16.96
C PHE B 296 -3.21 -0.96 17.86
N SER B 297 -4.54 -1.03 17.93
CA SER B 297 -5.20 -2.10 18.66
C SER B 297 -5.91 -3.01 17.67
N HIS B 298 -5.76 -4.31 17.88
CA HIS B 298 -6.34 -5.32 17.01
C HIS B 298 -7.53 -5.96 17.73
N GLN B 299 -8.73 -5.65 17.25
CA GLN B 299 -9.96 -5.99 17.98
C GLN B 299 -10.25 -7.49 18.07
N PRO B 300 -9.95 -8.26 17.01
CA PRO B 300 -10.22 -9.71 17.08
C PRO B 300 -9.40 -10.43 18.15
N THR B 301 -8.09 -10.16 18.19
CA THR B 301 -7.20 -10.76 19.18
C THR B 301 -7.21 -10.00 20.50
N GLY B 302 -7.63 -8.73 20.47
CA GLY B 302 -7.70 -7.91 21.67
C GLY B 302 -6.40 -7.29 22.12
N PHE B 303 -5.34 -7.41 21.32
CA PHE B 303 -4.03 -6.92 21.71
C PHE B 303 -3.81 -5.47 21.31
N GLN B 304 -2.93 -4.83 22.07
CA GLN B 304 -2.38 -3.55 21.73
C GLN B 304 -1.05 -3.87 21.06
N CYS B 305 -0.79 -3.28 19.90
CA CYS B 305 0.36 -3.67 19.10
C CYS B 305 1.26 -2.51 18.76
N ASP B 306 2.55 -2.81 18.64
CA ASP B 306 3.58 -1.84 18.29
C ASP B 306 4.35 -2.38 17.08
N LEU B 307 4.20 -1.72 15.94
CA LEU B 307 4.87 -2.15 14.71
C LEU B 307 6.04 -1.23 14.41
N SER B 308 7.23 -1.81 14.32
CA SER B 308 8.43 -1.06 13.99
C SER B 308 9.14 -1.80 12.85
N VAL B 309 10.34 -1.34 12.49
CA VAL B 309 11.07 -1.95 11.38
C VAL B 309 12.48 -2.36 11.80
N SER B 310 12.86 -3.57 11.38
CA SER B 310 14.25 -4.01 11.37
C SER B 310 15.07 -3.61 12.59
N ASN B 311 14.57 -3.91 13.80
CA ASN B 311 15.40 -3.75 15.01
C ASN B 311 15.98 -5.12 15.35
N SER B 312 17.10 -5.40 14.71
CA SER B 312 17.79 -6.68 14.87
C SER B 312 18.49 -6.77 16.24
N ILE B 313 18.75 -5.62 16.86
CA ILE B 313 19.34 -5.58 18.20
C ILE B 313 18.33 -6.06 19.24
N ALA B 314 17.16 -5.44 19.25
CA ALA B 314 16.10 -5.79 20.20
C ALA B 314 15.73 -7.28 20.17
N ILE B 315 15.92 -7.92 19.01
CA ILE B 315 15.71 -9.37 18.88
C ILE B 315 16.78 -10.15 19.63
N ARG B 316 18.04 -9.72 19.51
CA ARG B 316 19.13 -10.35 20.26
C ARG B 316 18.90 -10.18 21.76
N CYS B 317 18.45 -9.00 22.16
CA CYS B 317 18.09 -8.73 23.55
C CYS B 317 16.96 -9.65 24.01
N SER B 318 15.95 -9.84 23.16
CA SER B 318 14.86 -10.75 23.47
C SER B 318 15.35 -12.18 23.64
N GLU B 319 16.34 -12.59 22.85
CA GLU B 319 16.94 -13.92 23.00
C GLU B 319 17.76 -14.01 24.29
N LEU B 320 18.44 -12.94 24.66
CA LEU B 320 19.22 -12.94 25.90
C LEU B 320 18.32 -13.21 27.10
N LEU B 321 17.26 -12.43 27.21
CA LEU B 321 16.29 -12.59 28.28
C LEU B 321 15.59 -13.94 28.20
N TYR B 322 15.42 -14.47 27.00
CA TYR B 322 14.89 -15.81 26.82
C TYR B 322 15.78 -16.83 27.52
N ILE B 323 17.09 -16.71 27.28
CA ILE B 323 18.04 -17.64 27.89
C ILE B 323 17.96 -17.58 29.41
N TYR B 324 18.10 -16.37 29.96
CA TYR B 324 18.03 -16.18 31.40
C TYR B 324 16.72 -16.72 31.98
N GLY B 325 15.62 -16.47 31.30
CA GLY B 325 14.32 -16.99 31.72
C GLY B 325 14.23 -18.52 31.71
N CYS B 326 14.92 -19.15 30.77
CA CYS B 326 14.90 -20.62 30.66
C CYS B 326 15.87 -21.31 31.62
N LEU B 327 16.95 -20.62 31.99
CA LEU B 327 18.01 -21.22 32.82
C LEU B 327 17.53 -21.71 34.19
N ASP B 328 16.74 -20.90 34.87
CA ASP B 328 16.27 -21.22 36.21
C ASP B 328 14.87 -20.64 36.44
N PRO B 329 13.95 -21.43 37.03
CA PRO B 329 12.60 -20.92 37.27
C PRO B 329 12.50 -19.78 38.30
N ARG B 330 13.53 -19.63 39.14
CA ARG B 330 13.57 -18.53 40.11
C ARG B 330 13.66 -17.18 39.41
N VAL B 331 14.32 -17.15 38.25
CA VAL B 331 14.50 -15.92 37.50
C VAL B 331 13.15 -15.31 37.15
N ARG B 332 12.29 -16.10 36.52
CA ARG B 332 10.98 -15.62 36.09
C ARG B 332 10.11 -15.27 37.29
N ALA B 333 10.11 -16.16 38.29
CA ALA B 333 9.34 -15.94 39.52
C ALA B 333 9.65 -14.58 40.14
N LEU B 334 10.94 -14.23 40.14
CA LEU B 334 11.41 -13.01 40.78
C LEU B 334 10.96 -11.78 39.99
N VAL B 335 11.13 -11.83 38.66
CA VAL B 335 10.73 -10.74 37.79
C VAL B 335 9.23 -10.45 37.86
N PHE B 336 8.42 -11.50 37.75
CA PHE B 336 6.97 -11.31 37.78
C PHE B 336 6.50 -10.65 39.09
N SER B 337 7.13 -10.99 40.20
CA SER B 337 6.74 -10.42 41.48
C SER B 337 7.19 -8.98 41.63
N LEU B 338 8.45 -8.70 41.28
CA LEU B 338 9.01 -7.37 41.42
C LEU B 338 8.37 -6.37 40.47
N ARG B 339 8.05 -6.83 39.26
CA ARG B 339 7.35 -6.01 38.29
C ARG B 339 5.94 -5.67 38.78
N CYS B 340 5.29 -6.63 39.43
CA CYS B 340 3.97 -6.39 40.04
C CYS B 340 4.08 -5.41 41.19
N TRP B 341 5.10 -5.59 42.01
CA TRP B 341 5.42 -4.70 43.13
C TRP B 341 5.56 -3.26 42.64
N ALA B 342 6.37 -3.05 41.60
CA ALA B 342 6.60 -1.71 41.05
C ALA B 342 5.30 -1.05 40.59
N ARG B 343 4.42 -1.81 39.94
CA ARG B 343 3.13 -1.28 39.49
C ARG B 343 2.25 -0.85 40.66
N VAL B 344 2.20 -1.65 41.72
CA VAL B 344 1.32 -1.37 42.86
C VAL B 344 1.75 -0.06 43.55
N HIS B 345 3.05 0.18 43.62
CA HIS B 345 3.58 1.38 44.30
C HIS B 345 3.86 2.57 43.37
N GLY B 346 3.31 2.52 42.16
CA GLY B 346 3.41 3.64 41.22
C GLY B 346 4.81 3.94 40.68
N LEU B 347 5.72 2.97 40.76
CA LEU B 347 7.08 3.16 40.25
C LEU B 347 7.12 3.04 38.73
N THR B 348 6.18 2.28 38.18
CA THR B 348 6.01 2.15 36.73
C THR B 348 4.69 2.78 36.32
N ASN B 349 4.54 3.02 35.02
CA ASN B 349 3.31 3.60 34.48
C ASN B 349 3.08 3.18 33.03
N SER B 350 1.83 3.23 32.61
CA SER B 350 1.45 2.87 31.23
C SER B 350 2.08 3.81 30.20
N VAL B 351 2.07 5.12 30.49
CA VAL B 351 2.62 6.12 29.57
C VAL B 351 4.10 6.36 29.88
N PRO B 352 4.95 6.56 28.84
CA PRO B 352 6.36 6.84 29.09
C PRO B 352 6.58 8.19 29.78
N GLY B 353 7.73 8.33 30.42
CA GLY B 353 8.06 9.56 31.13
C GLY B 353 9.32 9.43 31.95
N THR B 354 9.25 9.85 33.21
CA THR B 354 10.37 9.79 34.12
C THR B 354 10.42 8.48 34.92
N TRP B 355 9.36 7.68 34.81
CA TRP B 355 9.25 6.42 35.55
C TRP B 355 10.25 5.39 35.03
N ILE B 356 10.65 4.47 35.92
CA ILE B 356 11.44 3.31 35.52
C ILE B 356 10.52 2.43 34.70
N THR B 357 11.06 1.81 33.66
CA THR B 357 10.27 0.94 32.81
C THR B 357 10.42 -0.51 33.26
N ASN B 358 9.40 -1.32 33.00
CA ASN B 358 9.47 -2.75 33.24
C ASN B 358 10.76 -3.34 32.67
N PHE B 359 11.12 -2.93 31.46
CA PHE B 359 12.31 -3.45 30.83
C PHE B 359 13.58 -3.06 31.60
N SER B 360 13.68 -1.80 32.00
CA SER B 360 14.81 -1.35 32.81
C SER B 360 14.87 -2.14 34.11
N LEU B 361 13.74 -2.21 34.80
CA LEU B 361 13.63 -2.95 36.05
C LEU B 361 14.06 -4.40 35.86
N THR B 362 13.60 -5.01 34.77
CA THR B 362 13.96 -6.38 34.45
C THR B 362 15.47 -6.55 34.37
N MET B 363 16.14 -5.59 33.73
CA MET B 363 17.59 -5.66 33.60
C MET B 363 18.28 -5.49 34.95
N MET B 364 17.76 -4.63 35.80
CA MET B 364 18.27 -4.49 37.17
C MET B 364 18.17 -5.82 37.91
N ILE B 365 17.06 -6.52 37.72
CA ILE B 365 16.87 -7.82 38.35
C ILE B 365 17.90 -8.83 37.83
N MET B 366 18.20 -8.77 36.54
CA MET B 366 19.21 -9.67 35.97
C MET B 366 20.58 -9.38 36.55
N PHE B 367 20.89 -8.10 36.71
CA PHE B 367 22.16 -7.68 37.30
C PHE B 367 22.30 -8.22 38.73
N PHE B 368 21.23 -8.06 39.52
CA PHE B 368 21.16 -8.64 40.86
C PHE B 368 21.50 -10.13 40.84
N LEU B 369 20.85 -10.87 39.94
CA LEU B 369 21.06 -12.31 39.83
C LEU B 369 22.47 -12.67 39.38
N GLN B 370 23.13 -11.79 38.64
CA GLN B 370 24.54 -12.00 38.25
C GLN B 370 25.49 -11.86 39.45
N LYS B 371 25.07 -11.08 40.46
CA LYS B 371 25.92 -10.75 41.61
C LYS B 371 25.75 -11.70 42.81
N ARG B 372 25.13 -12.86 42.59
CA ARG B 372 24.94 -13.82 43.66
C ARG B 372 26.22 -14.62 43.91
N SER B 373 26.24 -15.35 45.01
CA SER B 373 27.38 -16.19 45.39
C SER B 373 26.94 -17.63 45.65
N PRO B 374 27.11 -18.53 44.65
CA PRO B 374 27.57 -18.26 43.29
C PRO B 374 26.48 -17.60 42.44
N PRO B 375 26.84 -17.05 41.27
CA PRO B 375 25.85 -16.39 40.43
C PRO B 375 24.74 -17.34 39.97
N ILE B 376 23.50 -16.83 39.93
CA ILE B 376 22.36 -17.61 39.46
C ILE B 376 22.35 -17.70 37.93
N ILE B 377 22.78 -16.63 37.26
CA ILE B 377 22.88 -16.62 35.80
C ILE B 377 24.26 -16.13 35.37
N PRO B 378 24.76 -16.62 34.22
CA PRO B 378 26.04 -16.16 33.71
C PRO B 378 25.97 -14.73 33.17
N THR B 379 27.12 -14.10 33.05
CA THR B 379 27.23 -12.77 32.47
C THR B 379 27.13 -12.87 30.95
N LEU B 380 26.94 -11.74 30.27
CA LEU B 380 26.87 -11.75 28.82
C LEU B 380 28.21 -12.11 28.19
N ASP B 381 29.29 -11.55 28.74
CA ASP B 381 30.64 -11.88 28.27
C ASP B 381 30.92 -13.37 28.40
N GLN B 382 30.49 -13.97 29.51
CA GLN B 382 30.56 -15.42 29.69
C GLN B 382 29.85 -16.15 28.55
N LEU B 383 28.69 -15.64 28.14
CA LEU B 383 27.93 -16.22 27.05
C LEU B 383 28.59 -15.96 25.69
N LYS B 384 29.32 -14.85 25.56
CA LYS B 384 30.04 -14.53 24.33
C LYS B 384 31.21 -15.51 24.11
N GLU B 385 31.93 -15.85 25.17
CA GLU B 385 33.05 -16.78 25.08
C GLU B 385 32.61 -18.21 24.74
N LEU B 386 31.36 -18.55 25.05
CA LEU B 386 30.80 -19.86 24.72
C LEU B 386 30.16 -19.93 23.33
N ALA B 387 30.11 -18.79 22.63
CA ALA B 387 29.57 -18.74 21.27
C ALA B 387 30.56 -19.25 20.23
N ASP B 388 30.05 -19.57 19.05
CA ASP B 388 30.87 -20.02 17.91
C ASP B 388 30.61 -19.12 16.69
N GLU B 389 31.00 -19.60 15.51
CA GLU B 389 30.78 -18.84 14.26
C GLU B 389 29.29 -18.73 13.91
N LYS B 390 28.55 -19.81 14.11
CA LYS B 390 27.10 -19.81 13.88
C LYS B 390 26.40 -18.75 14.74
N ASP B 391 26.84 -18.61 15.98
CA ASP B 391 26.27 -17.65 16.92
C ASP B 391 26.99 -16.29 16.91
N LYS B 392 27.84 -16.05 15.90
CA LYS B 392 28.62 -14.81 15.82
C LYS B 392 27.87 -13.73 15.04
N HIS B 393 27.04 -12.96 15.75
CA HIS B 393 26.26 -11.88 15.14
C HIS B 393 26.87 -10.51 15.43
N VAL B 394 27.22 -9.78 14.36
CA VAL B 394 27.73 -8.42 14.46
C VAL B 394 26.83 -7.51 13.65
N ILE B 395 26.23 -6.53 14.33
CA ILE B 395 25.20 -5.69 13.72
C ILE B 395 25.55 -4.21 13.91
N GLY B 396 25.77 -3.51 12.80
CA GLY B 396 26.02 -2.06 12.81
C GLY B 396 27.19 -1.62 13.67
N GLY B 397 28.25 -2.44 13.71
CA GLY B 397 29.45 -2.11 14.48
C GLY B 397 29.57 -2.78 15.83
N TYR B 398 28.43 -3.14 16.43
CA TYR B 398 28.40 -3.72 17.77
C TYR B 398 28.40 -5.25 17.71
N ASP B 399 29.11 -5.88 18.65
CA ASP B 399 29.14 -7.34 18.76
C ASP B 399 27.98 -7.84 19.62
N CYS B 400 27.10 -8.64 19.01
CA CYS B 400 25.94 -9.21 19.69
C CYS B 400 26.00 -10.73 19.70
N SER B 401 27.21 -11.27 19.77
CA SER B 401 27.42 -12.71 19.75
C SER B 401 27.18 -13.32 21.13
N PHE B 402 26.45 -14.42 21.18
CA PHE B 402 26.34 -15.25 22.36
C PHE B 402 25.70 -16.60 22.05
N VAL B 403 25.99 -17.59 22.88
CA VAL B 403 25.53 -18.96 22.68
C VAL B 403 23.99 -19.02 22.56
N SER B 404 23.50 -19.91 21.68
CA SER B 404 22.06 -20.16 21.54
C SER B 404 21.67 -21.49 22.21
N ASP B 405 22.57 -22.47 22.16
CA ASP B 405 22.36 -23.77 22.81
C ASP B 405 22.41 -23.66 24.34
N LEU B 406 21.41 -24.22 25.01
CA LEU B 406 21.30 -24.11 26.47
C LEU B 406 22.21 -25.08 27.23
N SER B 407 22.49 -26.24 26.64
CA SER B 407 23.30 -27.26 27.30
C SER B 407 24.78 -26.85 27.42
N LYS B 408 25.22 -25.96 26.53
CA LYS B 408 26.59 -25.44 26.59
C LYS B 408 26.83 -24.54 27.82
N ILE B 409 25.75 -24.19 28.52
CA ILE B 409 25.83 -23.40 29.74
C ILE B 409 25.78 -24.32 30.95
N LYS B 410 26.83 -24.26 31.77
CA LYS B 410 26.90 -25.03 33.00
C LYS B 410 25.84 -24.53 33.99
N PRO B 411 25.01 -25.45 34.53
CA PRO B 411 24.00 -25.09 35.53
C PRO B 411 24.56 -24.36 36.73
N THR B 412 23.69 -23.67 37.46
CA THR B 412 24.10 -22.91 38.64
C THR B 412 24.15 -23.79 39.89
N LYS B 413 25.19 -23.61 40.70
CA LYS B 413 25.32 -24.29 41.99
C LYS B 413 24.47 -23.61 43.07
N ASN B 414 24.09 -22.35 42.84
CA ASN B 414 23.27 -21.58 43.78
C ASN B 414 21.97 -22.27 44.16
N THR B 415 21.67 -22.29 45.46
CA THR B 415 20.46 -22.95 45.98
C THR B 415 19.63 -22.01 46.87
N GLU B 416 19.82 -20.70 46.71
CA GLU B 416 19.09 -19.74 47.53
C GLU B 416 17.60 -19.82 47.21
N THR B 417 16.78 -19.73 48.23
CA THR B 417 15.33 -19.73 48.05
C THR B 417 14.86 -18.33 47.64
N LEU B 418 13.62 -18.26 47.18
CA LEU B 418 13.03 -16.99 46.75
C LEU B 418 12.73 -16.08 47.95
N ASP B 419 12.50 -16.68 49.12
CA ASP B 419 12.33 -15.94 50.37
C ASP B 419 13.55 -15.03 50.58
N GLU B 420 14.73 -15.61 50.39
CA GLU B 420 15.98 -14.87 50.55
C GLU B 420 16.15 -13.86 49.41
N LEU B 421 15.98 -14.33 48.18
CA LEU B 421 16.27 -13.51 47.00
C LEU B 421 15.40 -12.26 46.91
N LEU B 422 14.12 -12.40 47.24
CA LEU B 422 13.19 -11.28 47.22
C LEU B 422 13.62 -10.21 48.21
N CYS B 423 13.84 -10.61 49.47
CA CYS B 423 14.25 -9.67 50.50
C CYS B 423 15.62 -9.08 50.19
N ASP B 424 16.54 -9.92 49.70
CA ASP B 424 17.88 -9.45 49.34
C ASP B 424 17.85 -8.46 48.17
N PHE B 425 16.87 -8.58 47.29
CA PHE B 425 16.74 -7.64 46.17
C PHE B 425 16.48 -6.24 46.72
N PHE B 426 15.50 -6.14 47.61
CA PHE B 426 15.17 -4.89 48.24
C PHE B 426 16.35 -4.35 49.05
N GLN B 427 17.01 -5.22 49.78
CA GLN B 427 18.17 -4.85 50.59
C GLN B 427 19.31 -4.34 49.70
N TYR B 428 19.62 -5.11 48.65
CA TYR B 428 20.72 -4.76 47.75
C TYR B 428 20.55 -3.37 47.12
N PHE B 429 19.38 -3.13 46.51
CA PHE B 429 19.14 -1.87 45.81
C PHE B 429 18.72 -0.73 46.74
N GLY B 430 18.24 -1.07 47.94
CA GLY B 430 17.99 -0.08 48.97
C GLY B 430 19.27 0.50 49.57
N ASN B 431 20.39 -0.21 49.39
CA ASN B 431 21.69 0.23 49.89
C ASN B 431 22.72 0.44 48.77
N PHE B 432 22.26 0.44 47.53
CA PHE B 432 23.13 0.59 46.37
C PHE B 432 23.52 2.06 46.19
N ASP B 433 24.76 2.30 45.76
CA ASP B 433 25.25 3.66 45.54
C ASP B 433 25.02 4.09 44.09
N PHE B 434 23.85 4.65 43.82
CA PHE B 434 23.46 5.04 42.47
C PHE B 434 24.20 6.26 41.93
N ARG B 435 24.78 7.07 42.82
CA ARG B 435 25.57 8.24 42.41
C ARG B 435 26.90 7.84 41.78
N LYS B 436 27.54 6.83 42.34
CA LYS B 436 28.90 6.46 41.96
C LYS B 436 28.98 5.20 41.08
N ASN B 437 27.90 4.43 41.02
CA ASN B 437 27.90 3.15 40.31
C ASN B 437 26.84 3.01 39.21
N SER B 438 27.20 2.22 38.19
CA SER B 438 26.29 1.86 37.11
C SER B 438 26.25 0.35 36.97
N LEU B 439 25.18 -0.16 36.35
CA LEU B 439 24.97 -1.59 36.23
C LEU B 439 25.43 -2.08 34.86
N ASN B 440 26.51 -2.88 34.84
CA ASN B 440 27.04 -3.46 33.62
C ASN B 440 26.79 -4.95 33.57
N LEU B 441 25.91 -5.38 32.66
CA LEU B 441 25.50 -6.77 32.58
C LEU B 441 26.46 -7.64 31.78
N ARG B 442 27.36 -7.01 31.02
CA ARG B 442 28.39 -7.75 30.30
C ARG B 442 29.39 -8.34 31.28
N LYS B 443 29.95 -7.49 32.13
CA LYS B 443 30.94 -7.92 33.12
C LYS B 443 30.29 -8.49 34.36
N GLY B 444 29.04 -8.10 34.62
CA GLY B 444 28.33 -8.51 35.83
C GLY B 444 28.93 -7.85 37.06
N LYS B 445 29.26 -6.57 36.91
CA LYS B 445 29.98 -5.84 37.94
C LYS B 445 29.49 -4.40 38.02
N GLU B 446 29.76 -3.78 39.16
CA GLU B 446 29.46 -2.37 39.36
C GLU B 446 30.66 -1.59 38.85
N VAL B 447 30.41 -0.55 38.05
CA VAL B 447 31.48 0.25 37.45
C VAL B 447 31.15 1.74 37.48
N ASN B 448 32.14 2.57 37.18
CA ASN B 448 31.95 4.02 37.12
C ASN B 448 31.03 4.39 35.97
N LYS B 449 30.26 5.46 36.17
CA LYS B 449 29.27 5.89 35.20
C LYS B 449 29.93 6.66 34.06
N PRO B 450 29.79 6.16 32.81
CA PRO B 450 30.33 6.91 31.65
C PRO B 450 29.78 8.32 31.53
N GLU B 451 28.48 8.49 31.83
CA GLU B 451 27.81 9.79 31.77
C GLU B 451 27.12 10.09 33.09
N SER B 452 26.88 11.38 33.37
CA SER B 452 26.13 11.79 34.54
C SER B 452 24.63 11.53 34.33
N SER B 453 24.08 10.60 35.09
CA SER B 453 22.65 10.24 34.99
C SER B 453 22.20 9.60 36.31
N PRO B 454 20.99 9.96 36.81
CA PRO B 454 20.53 9.41 38.09
C PRO B 454 20.67 7.89 38.19
N LEU B 455 20.08 7.18 37.24
CA LEU B 455 20.16 5.72 37.17
C LEU B 455 20.78 5.32 35.82
N TYR B 456 22.00 4.80 35.86
CA TYR B 456 22.69 4.38 34.65
C TYR B 456 22.79 2.86 34.57
N ILE B 457 22.10 2.28 33.58
CA ILE B 457 22.19 0.87 33.28
C ILE B 457 22.76 0.72 31.86
N TRP B 458 23.84 -0.05 31.73
CA TRP B 458 24.52 -0.21 30.45
C TRP B 458 23.70 -1.02 29.47
N ASN B 459 23.44 -0.45 28.30
CA ASN B 459 22.90 -1.22 27.19
C ASN B 459 23.95 -2.25 26.79
N PRO B 460 23.63 -3.55 26.91
CA PRO B 460 24.66 -4.56 26.74
C PRO B 460 25.12 -4.77 25.29
N PHE B 461 24.38 -4.23 24.31
CA PHE B 461 24.74 -4.37 22.90
C PHE B 461 25.18 -3.05 22.30
N GLU B 462 24.29 -2.06 22.29
CA GLU B 462 24.64 -0.70 21.88
C GLU B 462 25.28 0.01 23.08
N GLN B 463 26.52 -0.34 23.37
CA GLN B 463 27.20 0.11 24.57
C GLN B 463 27.41 1.63 24.42
N ASP B 464 27.54 2.34 25.53
CA ASP B 464 27.55 3.81 25.53
C ASP B 464 26.14 4.42 25.48
N LEU B 465 25.11 3.57 25.46
CA LEU B 465 23.74 4.02 25.71
C LEU B 465 23.31 3.62 27.12
N ASN B 466 22.48 4.46 27.72
CA ASN B 466 21.89 4.21 29.02
C ASN B 466 20.42 3.86 28.83
N ILE B 467 20.08 2.60 29.07
CA ILE B 467 18.72 2.14 28.83
C ILE B 467 17.70 2.82 29.75
N SER B 468 18.18 3.42 30.84
CA SER B 468 17.31 4.10 31.80
C SER B 468 17.61 5.60 31.89
N LYS B 469 17.99 6.20 30.76
CA LYS B 469 18.32 7.63 30.69
C LYS B 469 17.14 8.50 31.10
N ASN B 470 15.93 8.01 30.83
CA ASN B 470 14.70 8.73 31.15
C ASN B 470 14.42 8.99 32.64
N VAL B 471 15.10 8.25 33.52
CA VAL B 471 14.80 8.29 34.94
C VAL B 471 15.46 9.50 35.62
N ASN B 472 14.64 10.30 36.31
CA ASN B 472 15.14 11.43 37.09
C ASN B 472 15.38 11.03 38.55
N GLN B 473 15.97 11.94 39.33
CA GLN B 473 16.31 11.67 40.73
C GLN B 473 15.08 11.43 41.62
N PRO B 474 14.01 12.24 41.46
CA PRO B 474 12.78 12.00 42.23
C PRO B 474 12.20 10.58 42.10
N GLN B 475 12.19 10.03 40.89
CA GLN B 475 11.66 8.69 40.67
C GLN B 475 12.60 7.62 41.21
N LEU B 476 13.91 7.86 41.10
CA LEU B 476 14.90 6.95 41.65
C LEU B 476 14.83 6.92 43.18
N GLU B 477 14.68 8.09 43.79
CA GLU B 477 14.56 8.18 45.25
C GLU B 477 13.31 7.46 45.76
N LYS B 478 12.23 7.54 44.99
CA LYS B 478 10.99 6.86 45.33
C LYS B 478 11.17 5.33 45.24
N PHE B 479 11.91 4.88 44.23
CA PHE B 479 12.22 3.46 44.09
C PHE B 479 13.00 2.96 45.30
N VAL B 480 14.02 3.70 45.68
CA VAL B 480 14.86 3.34 46.82
C VAL B 480 14.07 3.32 48.13
N ALA B 481 13.26 4.35 48.35
CA ALA B 481 12.43 4.45 49.55
C ALA B 481 11.47 3.26 49.66
N MET B 482 10.87 2.89 48.54
CA MET B 482 9.96 1.75 48.51
C MET B 482 10.73 0.43 48.70
N ALA B 483 11.93 0.36 48.15
CA ALA B 483 12.78 -0.81 48.33
C ALA B 483 13.10 -1.01 49.81
N ARG B 484 13.60 0.05 50.46
CA ARG B 484 13.98 0.00 51.86
C ARG B 484 12.79 -0.29 52.78
N GLU B 485 11.64 0.30 52.48
CA GLU B 485 10.43 0.04 53.28
C GLU B 485 9.94 -1.40 53.10
N SER B 486 10.09 -1.94 51.89
CA SER B 486 9.68 -3.31 51.61
C SER B 486 10.61 -4.30 52.31
N ALA B 487 11.92 -4.04 52.26
CA ALA B 487 12.88 -4.83 53.01
C ALA B 487 12.52 -4.86 54.50
N TRP B 488 12.24 -3.69 55.07
CA TRP B 488 11.89 -3.57 56.48
C TRP B 488 10.66 -4.39 56.84
N ILE B 489 9.61 -4.29 56.02
CA ILE B 489 8.38 -5.04 56.26
C ILE B 489 8.66 -6.53 56.30
N LEU B 490 9.42 -7.03 55.33
CA LEU B 490 9.70 -8.48 55.25
C LEU B 490 10.60 -8.98 56.37
N GLN B 491 11.53 -8.14 56.82
CA GLN B 491 12.42 -8.51 57.93
C GLN B 491 11.67 -8.56 59.26
N LYS B 492 10.93 -7.50 59.57
CA LYS B 492 10.30 -7.33 60.87
C LYS B 492 8.93 -8.00 61.03
N GLU B 493 8.38 -8.57 59.95
CA GLU B 493 7.06 -9.20 60.03
C GLU B 493 7.11 -10.55 60.75
N ASP B 494 6.13 -10.77 61.63
CA ASP B 494 5.94 -12.07 62.29
C ASP B 494 4.92 -12.83 61.46
N LYS B 495 5.41 -13.67 60.55
CA LYS B 495 4.57 -14.33 59.53
C LYS B 495 3.43 -15.16 60.12
N THR B 496 3.72 -15.97 61.12
CA THR B 496 2.71 -16.82 61.74
C THR B 496 1.60 -16.00 62.40
N GLN B 497 1.98 -14.88 63.01
CA GLN B 497 0.99 -14.00 63.65
C GLN B 497 0.04 -13.35 62.63
N GLN B 498 0.56 -13.01 61.45
CA GLN B 498 -0.25 -12.39 60.39
C GLN B 498 -1.19 -13.41 59.74
N MET B 499 -0.72 -14.64 59.54
CA MET B 499 -1.55 -15.72 59.00
C MET B 499 -2.76 -15.98 59.89
N ILE B 500 -2.50 -16.12 61.19
CA ILE B 500 -3.55 -16.40 62.19
C ILE B 500 -4.57 -15.25 62.26
N ASN B 501 -4.08 -14.01 62.22
CA ASN B 501 -4.96 -12.83 62.26
C ASN B 501 -5.71 -12.54 60.94
N LYS B 502 -5.52 -13.41 59.94
CA LYS B 502 -6.14 -13.23 58.62
C LYS B 502 -5.64 -11.94 57.96
N GLU B 503 -4.35 -11.67 58.10
CA GLU B 503 -3.73 -10.45 57.59
C GLU B 503 -2.75 -10.79 56.47
N PRO B 504 -2.33 -9.76 55.69
CA PRO B 504 -1.34 -9.98 54.64
C PRO B 504 0.09 -10.20 55.19
N TRP B 505 0.83 -11.05 54.50
CA TRP B 505 2.20 -11.41 54.91
C TRP B 505 3.05 -11.79 53.69
N GLY B 506 4.36 -11.64 53.83
CA GLY B 506 5.28 -11.97 52.76
C GLY B 506 5.04 -11.13 51.53
N LEU B 507 5.01 -11.79 50.36
CA LEU B 507 4.77 -11.11 49.09
C LEU B 507 3.52 -10.25 49.14
N ALA B 508 2.45 -10.79 49.73
CA ALA B 508 1.19 -10.04 49.84
C ALA B 508 1.32 -8.73 50.61
N ALA B 509 2.24 -8.68 51.58
CA ALA B 509 2.44 -7.49 52.40
C ALA B 509 3.09 -6.37 51.59
N VAL B 510 4.02 -6.73 50.72
CA VAL B 510 4.70 -5.77 49.87
C VAL B 510 3.94 -5.48 48.57
N LEU B 511 2.84 -6.19 48.33
CA LEU B 511 2.00 -5.93 47.15
C LEU B 511 0.72 -5.17 47.49
N ILE B 512 0.71 -4.48 48.63
CA ILE B 512 -0.36 -3.53 48.96
C ILE B 512 0.27 -2.18 49.21
N PRO B 513 -0.45 -1.08 48.89
CA PRO B 513 0.17 0.24 48.98
C PRO B 513 0.53 0.65 50.41
N PHE B 514 1.53 1.51 50.56
CA PHE B 514 1.94 2.00 51.88
C PHE B 514 1.46 3.43 52.07
C1' AGS C . -14.28 14.56 -16.00
N9 AGS C . -15.28 15.63 -15.89
C8 AGS C . -15.07 16.89 -15.43
N7 AGS C . -16.20 17.62 -15.45
C5 AGS C . -17.16 16.84 -15.94
C6 AGS C . -18.59 16.99 -16.22
N6 AGS C . -19.21 18.16 -15.97
N1 AGS C . -19.25 15.94 -16.72
C2 AGS C . -18.63 14.76 -16.97
N3 AGS C . -17.34 14.55 -16.73
C4 AGS C . -16.56 15.54 -16.23
PG AGS D . -6.87 16.53 -24.34
S1G AGS D . -5.75 16.27 -25.98
O2G AGS D . -6.47 15.52 -23.15
O3G AGS D . -6.69 17.91 -23.94
PB AGS D . -9.17 15.15 -23.75
O1B AGS D . -10.31 14.67 -24.49
O2B AGS D . -8.20 14.20 -23.16
O3B AGS D . -8.36 16.16 -24.65
PA AGS D . -9.24 16.19 -21.15
O1A AGS D . -7.89 15.58 -21.04
O2A AGS D . -9.48 17.53 -20.64
O3A AGS D . -9.74 16.11 -22.64
O5' AGS D . -10.32 15.29 -20.50
C5' AGS D . -10.45 14.00 -21.02
C4' AGS D . -11.89 13.58 -21.04
O4' AGS D . -12.55 14.12 -19.94
C3' AGS D . -12.63 14.11 -22.23
O3' AGS D . -12.62 13.14 -23.26
C2' AGS D . -14.01 14.11 -21.73
O2' AGS D . -14.41 12.78 -21.89
C1' AGS D . -13.90 14.35 -20.26
N9 AGS D . -14.20 15.76 -19.99
C8 AGS D . -13.29 16.71 -19.80
N7 AGS D . -13.88 17.89 -19.57
C5 AGS D . -15.19 17.68 -19.62
C6 AGS D . -16.37 18.52 -19.45
N6 AGS D . -16.27 19.84 -19.19
N1 AGS D . -17.56 17.93 -19.58
C2 AGS D . -17.66 16.64 -19.83
N3 AGS D . -16.64 15.82 -19.99
C4 AGS D . -15.39 16.29 -19.90
MG MG E . -6.86 14.54 -21.86
C1 PEG F . -9.30 15.70 -28.69
O1 PEG F . -8.52 16.75 -28.12
C2 PEG F . -10.48 15.36 -27.77
O2 PEG F . -10.44 13.98 -27.38
PG AGS G . 6.49 -4.71 28.51
S1G AGS G . 5.59 -6.14 29.43
O2G AGS G . 5.86 -4.51 27.12
O3G AGS G . 6.48 -3.39 29.34
PB AGS G . 8.84 -5.06 27.00
O1B AGS G . 10.17 -5.73 27.19
O2B AGS G . 8.03 -5.75 25.86
O3B AGS G . 8.01 -5.15 28.36
PA AGS G . 8.60 -2.71 25.50
O1A AGS G . 7.23 -3.36 25.02
O2A AGS G . 8.38 -1.33 25.92
O3A AGS G . 9.13 -3.51 26.70
O5' AGS G . 9.70 -2.74 24.33
C5' AGS G . 9.94 -3.95 23.63
C4' AGS G . 11.47 -4.17 23.44
O4' AGS G . 12.04 -3.12 22.96
C3' AGS G . 12.19 -4.41 24.80
O3' AGS G . 12.10 -5.73 25.19
C2' AGS G . 13.62 -4.05 24.47
O2' AGS G . 14.29 -5.27 23.84
C1' AGS G . 13.51 -3.03 23.63
N9 AGS G . 13.62 -1.81 24.33
C8 AGS G . 12.60 -1.04 24.81
N7 AGS G . 13.14 0.05 25.44
C5 AGS G . 14.48 -0.05 25.35
C6 AGS G . 15.51 0.77 25.82
N6 AGS G . 15.45 2.05 26.57
N1 AGS G . 16.77 0.45 25.60
C2 AGS G . 17.07 -0.72 24.91
N3 AGS G . 16.07 -1.53 24.45
C4 AGS G . 14.79 -1.20 24.67
MG MG H . 6.07 -5.75 25.13
C1 PEG I . 10.16 -8.26 30.28
O1 PEG I . 10.81 -7.87 29.07
C2 PEG I . 9.87 -7.05 31.18
O2 PEG I . 8.55 -6.56 30.97
#